data_3Q44
#
_entry.id   3Q44
#
_cell.length_a   75.610
_cell.length_b   108.591
_cell.length_c   118.347
_cell.angle_alpha   90.00
_cell.angle_beta   90.00
_cell.angle_gamma   90.00
#
_symmetry.space_group_name_H-M   'P 21 21 21'
#
loop_
_entity.id
_entity.type
_entity.pdbx_description
1 polymer 'M1 family aminopeptidase'
2 non-polymer 'ZINC ION'
3 non-polymer N-{(2S,3R)-3-amino-4-[4-(benzyloxy)phenyl]-2-hydroxybutanoyl}-L-leucine
4 non-polymer GLYCEROL
5 non-polymer 'MAGNESIUM ION'
6 water water
#
_entity_poly.entity_id   1
_entity_poly.type   'polypeptide(L)'
_entity_poly.pdbx_seq_one_letter_code
;EPKIHYRKDYKPSGFIINQVTLNINIHDQETIVRSVLDMDISKHNVGEDLVFDGVGLKINEISINNKKLVEGEEYTYDNE
FLTIFSKFVPKSKFAFSSEVIIHPETNYALTGLYKSKNIIVSQCEATGFRRITFFIDRPDMMAKYDVTVTADKEKYPVLL
SNGDKVNEFEIPGGRHGARFNDPPLKPCYLFAVVAGDLKHLSATYITKYTKKKVELYVFSEEKYVSKLQWALECLKKSMA
FDEDYFGLEYDLSRLNLVAVSDFNVGAMENKGLNIFNANSLLASKKNSIDFSYARILTVVGHEYFHQYTGNRVTLRDWFQ
LTLKEGLTVHRENLFSEEMTKTVTTRLSHVDLLRSVQFLEDSSPLSHPIRPESYVSMENFYTTTVYDKGSEVMRMYLTIL
GEEYYKKGFDIYIKKNDGNTATCEDFNYAMEQAYKMKKADNSANLNQYLLWFSQSGTPHVSFKYNYDAEKKQYSIHVNQY
TKPDENQKEKKPLFIPISVGLINPENGKEMISQTTLELTKESDTFVFNNIAVKPIPSLFRGFSAPVYIEDQLTDEERILL
LKYDSDAFVRYNSCTNIYMKQILMNYNEFLKAKNEKLESFQLTPVNAQFIDAIKYLLEDPHADAGFKSYIVSLPQDRYII
NFVSNLDTDVLADTKEYIYKQIGDKLNDVYYKMFKSLEAKADDLTYFNDESHVDFDQMNMRTLRNTLLSLLSKAQYPNIL
NEIIEHSKSPYPSNWLTSLSVSAYFDKYFELYDKTYKLSKDDELLLQEWLKTVSRSDRKDIYEILKKLENEVLKDSKNPN
DIRAVYLPFTNNLRRFHDISGKGYKLIAEVITKTDKFNPMVATQLCEPFKLWNKLDTKRQELMLNEMNTMLQEPQISNNL
KEYLLRLTNKL
;
_entity_poly.pdbx_strand_id   A
#
loop_
_chem_comp.id
_chem_comp.type
_chem_comp.name
_chem_comp.formula
D50 non-polymer N-{(2S,3R)-3-amino-4-[4-(benzyloxy)phenyl]-2-hydroxybutanoyl}-L-leucine 'C23 H30 N2 O5'
GOL non-polymer GLYCEROL 'C3 H8 O3'
MG non-polymer 'MAGNESIUM ION' 'Mg 2'
ZN non-polymer 'ZINC ION' 'Zn 2'
#
# COMPACT_ATOMS: atom_id res chain seq x y z
N PRO A 2 16.02 11.12 20.97
CA PRO A 2 15.56 11.50 19.62
C PRO A 2 14.48 12.58 19.68
N LYS A 3 14.48 13.47 18.69
CA LYS A 3 13.57 14.62 18.69
C LYS A 3 12.12 14.22 18.37
N ILE A 4 11.21 14.67 19.21
CA ILE A 4 9.78 14.54 18.94
C ILE A 4 9.27 15.82 18.31
N HIS A 5 8.68 15.67 17.12
CA HIS A 5 8.14 16.79 16.38
C HIS A 5 6.63 16.82 16.58
N TYR A 6 6.07 17.99 16.93
CA TYR A 6 4.62 18.09 17.17
C TYR A 6 3.93 18.88 16.10
N ARG A 7 2.76 18.39 15.66
CA ARG A 7 2.02 19.07 14.61
C ARG A 7 1.77 20.55 14.89
N LYS A 8 1.42 20.87 16.13
CA LYS A 8 1.02 22.21 16.48
C LYS A 8 2.20 23.21 16.42
N ASP A 9 3.42 22.69 16.32
CA ASP A 9 4.62 23.50 16.40
C ASP A 9 5.13 23.97 15.04
N TYR A 10 4.34 23.74 13.99
CA TYR A 10 4.73 24.14 12.68
C TYR A 10 5.02 25.66 12.65
N LYS A 11 6.18 26.03 12.15
CA LYS A 11 6.46 27.43 11.92
C LYS A 11 7.31 27.51 10.66
N PRO A 12 7.01 28.47 9.76
CA PRO A 12 7.89 28.71 8.60
C PRO A 12 9.33 29.03 8.98
N SER A 13 10.25 28.66 8.10
CA SER A 13 11.69 28.81 8.27
C SER A 13 12.00 30.30 8.25
N GLY A 14 13.07 30.69 8.94
CA GLY A 14 13.66 32.03 8.77
C GLY A 14 14.47 32.24 7.49
N PHE A 15 14.46 31.25 6.59
CA PHE A 15 15.21 31.34 5.33
C PHE A 15 14.35 31.03 4.16
N ILE A 16 14.77 31.52 2.99
CA ILE A 16 14.17 31.12 1.73
C ILE A 16 15.29 30.59 0.87
N ILE A 17 14.99 29.49 0.17
CA ILE A 17 15.86 28.94 -0.86
C ILE A 17 15.14 29.18 -2.19
N ASN A 18 15.66 30.05 -3.03
CA ASN A 18 14.98 30.38 -4.27
C ASN A 18 15.44 29.54 -5.44
N GLN A 19 16.72 29.20 -5.43
CA GLN A 19 17.27 28.51 -6.57
C GLN A 19 18.31 27.52 -6.08
N VAL A 20 18.26 26.32 -6.65
CA VAL A 20 19.25 25.29 -6.43
C VAL A 20 19.95 25.05 -7.76
N THR A 21 21.28 25.08 -7.75
CA THR A 21 22.05 24.76 -8.96
C THR A 21 23.01 23.66 -8.58
N LEU A 22 22.74 22.46 -9.08
CA LEU A 22 23.52 21.27 -8.69
C LEU A 22 24.44 20.80 -9.80
N ASN A 23 25.60 20.32 -9.39
CA ASN A 23 26.44 19.59 -10.32
C ASN A 23 26.74 18.27 -9.61
N ILE A 24 26.29 17.20 -10.22
CA ILE A 24 26.46 15.85 -9.71
C ILE A 24 27.40 15.08 -10.62
N ASN A 25 28.60 14.84 -10.11
CA ASN A 25 29.70 14.26 -10.91
C ASN A 25 29.93 12.88 -10.37
N ILE A 26 29.47 11.89 -11.12
CA ILE A 26 29.51 10.50 -10.66
C ILE A 26 30.85 9.89 -11.08
N HIS A 27 31.61 9.38 -10.12
CA HIS A 27 32.82 8.63 -10.46
C HIS A 27 32.79 7.20 -9.95
N ASP A 28 33.84 6.43 -10.26
CA ASP A 28 33.87 5.00 -9.89
C ASP A 28 33.72 4.78 -8.40
N GLN A 29 34.50 5.53 -7.63
CA GLN A 29 34.59 5.31 -6.20
C GLN A 29 33.87 6.37 -5.35
N GLU A 30 33.24 7.38 -5.99
CA GLU A 30 32.63 8.50 -5.24
C GLU A 30 31.85 9.36 -6.21
N THR A 31 30.88 10.06 -5.66
CA THR A 31 30.13 11.03 -6.41
C THR A 31 30.38 12.39 -5.79
N ILE A 32 30.75 13.35 -6.62
CA ILE A 32 31.00 14.70 -6.13
C ILE A 32 29.78 15.57 -6.41
N VAL A 33 29.24 16.20 -5.38
CA VAL A 33 28.04 17.04 -5.52
C VAL A 33 28.40 18.47 -5.13
N ARG A 34 28.43 19.33 -6.15
CA ARG A 34 28.52 20.76 -5.96
C ARG A 34 27.16 21.40 -6.02
N SER A 35 26.89 22.25 -5.05
CA SER A 35 25.58 22.87 -4.91
C SER A 35 25.69 24.36 -4.56
N VAL A 36 24.96 25.20 -5.30
CA VAL A 36 24.87 26.61 -5.03
C VAL A 36 23.40 26.88 -4.75
N LEU A 37 23.16 27.38 -3.56
CA LEU A 37 21.82 27.78 -3.16
C LEU A 37 21.71 29.27 -3.18
N ASP A 38 20.79 29.78 -3.96
CA ASP A 38 20.52 31.21 -3.93
C ASP A 38 19.43 31.42 -2.89
N MET A 39 19.79 32.10 -1.80
CA MET A 39 18.97 32.13 -0.61
C MET A 39 18.61 33.53 -0.22
N ASP A 40 17.68 33.62 0.74
CA ASP A 40 17.23 34.88 1.26
C ASP A 40 16.86 34.68 2.71
N ILE A 41 16.58 35.81 3.35
CA ILE A 41 16.12 35.88 4.72
C ILE A 41 14.61 36.09 4.63
N SER A 42 13.84 35.28 5.36
CA SER A 42 12.37 35.40 5.26
C SER A 42 11.87 36.36 6.33
N LYS A 43 10.59 36.73 6.25
CA LYS A 43 9.97 37.61 7.26
C LYS A 43 9.91 37.01 8.66
N HIS A 44 10.19 35.72 8.77
CA HIS A 44 10.13 35.02 10.05
C HIS A 44 11.48 34.93 10.72
N ASN A 45 12.53 35.38 10.02
CA ASN A 45 13.89 35.33 10.51
C ASN A 45 14.06 36.19 11.78
N VAL A 46 14.73 35.65 12.78
CA VAL A 46 15.08 36.38 14.01
C VAL A 46 16.59 36.40 14.24
N GLY A 47 17.34 36.39 13.14
CA GLY A 47 18.80 36.39 13.20
C GLY A 47 19.35 35.11 13.78
N GLU A 48 18.64 33.99 13.60
CA GLU A 48 19.11 32.67 14.06
C GLU A 48 20.32 32.16 13.25
N ASP A 49 20.96 31.11 13.77
CA ASP A 49 21.94 30.38 13.01
C ASP A 49 21.31 29.83 11.72
N LEU A 50 22.08 29.83 10.62
CA LEU A 50 21.70 29.06 9.41
C LEU A 50 22.06 27.57 9.60
N VAL A 51 21.02 26.73 9.68
CA VAL A 51 21.18 25.29 9.90
C VAL A 51 20.62 24.49 8.71
N PHE A 52 21.49 23.73 8.06
CA PHE A 52 21.09 22.86 6.97
C PHE A 52 21.07 21.42 7.44
N ASP A 53 20.13 20.66 6.90
CA ASP A 53 20.20 19.23 7.05
C ASP A 53 21.28 18.71 6.13
N GLY A 54 21.98 17.67 6.58
CA GLY A 54 23.04 17.11 5.76
C GLY A 54 23.51 15.86 6.48
N VAL A 55 23.21 14.70 5.91
CA VAL A 55 23.42 13.40 6.57
C VAL A 55 24.46 12.60 5.83
N GLY A 56 25.57 12.32 6.52
CA GLY A 56 26.61 11.46 5.97
C GLY A 56 27.37 12.11 4.83
N LEU A 57 27.38 13.44 4.79
CA LEU A 57 28.07 14.14 3.74
C LEU A 57 29.53 14.33 4.14
N LYS A 58 30.44 14.23 3.18
CA LYS A 58 31.87 14.51 3.47
C LYS A 58 32.15 15.87 2.84
N ILE A 59 32.47 16.87 3.67
CA ILE A 59 32.63 18.24 3.16
C ILE A 59 34.00 18.44 2.47
N ASN A 60 33.99 18.90 1.22
CA ASN A 60 35.22 19.38 0.56
C ASN A 60 35.37 20.87 0.78
N GLU A 61 34.28 21.59 0.55
CA GLU A 61 34.22 22.99 0.89
C GLU A 61 32.80 23.46 1.03
N ILE A 62 32.66 24.50 1.85
CA ILE A 62 31.49 25.36 1.89
C ILE A 62 31.93 26.84 1.79
N SER A 63 31.01 27.68 1.30
CA SER A 63 31.28 29.10 1.03
C SER A 63 29.96 29.82 1.10
N ILE A 64 30.03 31.10 1.48
CA ILE A 64 28.91 32.05 1.41
C ILE A 64 29.41 33.23 0.55
N ASN A 65 28.67 33.56 -0.50
CA ASN A 65 29.10 34.59 -1.48
C ASN A 65 30.52 34.36 -2.03
N ASN A 66 30.84 33.07 -2.23
CA ASN A 66 32.12 32.70 -2.84
C ASN A 66 33.26 32.97 -1.87
N LYS A 67 32.97 33.15 -0.59
CA LYS A 67 34.04 33.20 0.37
C LYS A 67 34.03 31.89 1.08
N LYS A 68 35.12 31.14 1.00
CA LYS A 68 35.21 29.85 1.67
C LYS A 68 35.03 30.01 3.19
N LEU A 69 34.18 29.16 3.79
CA LEU A 69 34.00 29.16 5.24
C LEU A 69 34.91 28.12 5.84
N VAL A 70 35.31 28.35 7.09
CA VAL A 70 36.31 27.50 7.70
C VAL A 70 35.67 26.85 8.94
N GLU A 71 35.85 25.53 9.04
CA GLU A 71 35.26 24.72 10.10
C GLU A 71 35.75 25.09 11.48
N GLY A 72 34.84 25.11 12.44
CA GLY A 72 35.17 25.49 13.81
C GLY A 72 34.95 26.98 14.02
N GLU A 73 35.51 27.80 13.14
CA GLU A 73 35.31 29.26 13.26
C GLU A 73 33.87 29.68 12.89
N GLU A 74 33.49 29.34 11.67
CA GLU A 74 32.30 29.86 10.98
C GLU A 74 31.21 28.82 10.74
N TYR A 75 31.53 27.54 10.93
CA TYR A 75 30.51 26.51 10.83
C TYR A 75 30.94 25.29 11.61
N THR A 76 29.96 24.51 12.06
CA THR A 76 30.20 23.17 12.58
C THR A 76 29.34 22.17 11.81
N TYR A 77 29.80 20.92 11.79
CA TYR A 77 29.09 19.85 11.10
C TYR A 77 29.25 18.58 11.91
N ASP A 78 28.13 17.98 12.30
CA ASP A 78 28.08 16.79 13.16
C ASP A 78 27.54 15.56 12.40
N ASN A 79 27.62 15.58 11.05
CA ASN A 79 27.08 14.50 10.21
C ASN A 79 25.55 14.44 10.11
N GLU A 80 24.86 15.40 10.70
CA GLU A 80 23.41 15.48 10.62
C GLU A 80 22.98 16.89 10.27
N PHE A 81 23.65 17.87 10.91
CA PHE A 81 23.27 19.27 10.76
C PHE A 81 24.52 20.10 10.49
N LEU A 82 24.42 20.95 9.48
CA LEU A 82 25.46 21.93 9.26
C LEU A 82 24.96 23.25 9.85
N THR A 83 25.74 23.79 10.79
CA THR A 83 25.42 25.05 11.42
C THR A 83 26.39 26.13 10.99
N ILE A 84 25.85 27.19 10.41
CA ILE A 84 26.62 28.39 10.07
C ILE A 84 26.20 29.45 11.08
N PHE A 85 27.16 29.91 11.88
CA PHE A 85 26.84 30.76 13.02
C PHE A 85 26.25 32.04 12.50
N SER A 86 25.23 32.53 13.17
CA SER A 86 24.49 33.67 12.64
C SER A 86 25.39 34.88 12.24
N LYS A 87 26.49 35.12 12.94
CA LYS A 87 27.33 36.29 12.65
C LYS A 87 27.93 36.23 11.21
N PHE A 88 27.93 35.04 10.62
CA PHE A 88 28.45 34.84 9.27
C PHE A 88 27.39 34.72 8.19
N VAL A 89 26.14 34.81 8.59
CA VAL A 89 25.06 34.64 7.64
C VAL A 89 24.66 36.03 7.14
N PRO A 90 24.61 36.24 5.81
CA PRO A 90 24.22 37.58 5.32
C PRO A 90 22.81 37.94 5.77
N LYS A 91 22.45 39.22 5.65
CA LYS A 91 21.13 39.68 6.07
C LYS A 91 20.25 40.04 4.89
N SER A 92 20.76 39.83 3.68
CA SER A 92 19.93 39.93 2.49
C SER A 92 20.28 38.79 1.54
N LYS A 93 19.72 38.78 0.32
CA LYS A 93 19.99 37.71 -0.63
C LYS A 93 21.48 37.34 -0.70
N PHE A 94 21.75 36.06 -0.62
CA PHE A 94 23.10 35.54 -0.60
C PHE A 94 23.18 34.18 -1.30
N ALA A 95 24.39 33.76 -1.65
CA ALA A 95 24.62 32.44 -2.23
C ALA A 95 25.37 31.56 -1.24
N PHE A 96 24.80 30.40 -0.95
CA PHE A 96 25.49 29.39 -0.18
C PHE A 96 25.97 28.33 -1.16
N SER A 97 27.22 27.90 -1.05
CA SER A 97 27.68 26.85 -1.95
C SER A 97 28.42 25.82 -1.16
N SER A 98 28.39 24.59 -1.63
CA SER A 98 29.15 23.54 -0.99
C SER A 98 29.59 22.54 -2.02
N GLU A 99 30.64 21.80 -1.69
CA GLU A 99 31.02 20.62 -2.46
C GLU A 99 31.20 19.49 -1.47
N VAL A 100 30.44 18.42 -1.69
CA VAL A 100 30.49 17.27 -0.81
C VAL A 100 30.78 16.01 -1.59
N ILE A 101 31.24 14.98 -0.88
CA ILE A 101 31.44 13.71 -1.48
C ILE A 101 30.44 12.70 -0.84
N ILE A 102 29.81 11.93 -1.70
CA ILE A 102 28.94 10.83 -1.25
C ILE A 102 29.31 9.60 -2.04
N HIS A 103 28.70 8.47 -1.66
CA HIS A 103 29.15 7.17 -2.10
C HIS A 103 27.94 6.29 -2.43
N PRO A 104 27.27 6.58 -3.56
CA PRO A 104 26.10 5.75 -3.86
C PRO A 104 26.39 4.25 -3.97
N GLU A 105 27.61 3.86 -4.38
CA GLU A 105 27.96 2.43 -4.47
C GLU A 105 27.79 1.63 -3.21
N THR A 106 28.03 2.26 -2.06
CA THR A 106 27.89 1.52 -0.82
C THR A 106 26.69 1.96 -0.02
N ASN A 107 25.77 2.67 -0.67
CA ASN A 107 24.58 3.12 0.01
C ASN A 107 23.55 2.03 -0.11
N TYR A 108 23.56 1.05 0.80
CA TYR A 108 22.62 -0.05 0.70
C TYR A 108 21.30 0.25 1.41
N ALA A 109 21.17 1.44 1.98
CA ALA A 109 19.91 1.82 2.65
C ALA A 109 18.90 2.30 1.63
N LEU A 110 19.37 2.55 0.42
CA LEU A 110 18.47 2.90 -0.72
C LEU A 110 17.66 4.20 -0.49
N THR A 111 18.31 5.14 0.20
CA THR A 111 17.75 6.45 0.38
C THR A 111 18.85 7.47 0.09
N GLY A 112 18.45 8.61 -0.45
CA GLY A 112 19.46 9.53 -1.03
C GLY A 112 19.89 9.01 -2.39
N LEU A 113 21.19 9.14 -2.71
CA LEU A 113 21.67 8.67 -4.02
C LEU A 113 22.31 7.28 -3.83
N TYR A 114 21.91 6.33 -4.65
CA TYR A 114 22.46 4.99 -4.49
C TYR A 114 22.56 4.27 -5.83
N LYS A 115 23.31 3.17 -5.81
CA LYS A 115 23.48 2.33 -6.97
C LYS A 115 22.57 1.10 -6.83
N SER A 116 21.72 0.86 -7.84
CA SER A 116 20.93 -0.36 -7.94
C SER A 116 21.41 -1.11 -9.16
N LYS A 117 22.17 -2.17 -8.92
CA LYS A 117 22.80 -2.96 -9.99
C LYS A 117 23.68 -1.97 -10.74
N ASN A 118 23.39 -1.66 -12.00
CA ASN A 118 24.28 -0.70 -12.70
C ASN A 118 23.61 0.66 -12.94
N ILE A 119 22.55 0.95 -12.18
CA ILE A 119 21.88 2.25 -12.29
C ILE A 119 22.08 3.06 -11.03
N ILE A 120 22.46 4.33 -11.20
CA ILE A 120 22.50 5.25 -10.10
C ILE A 120 21.14 5.92 -10.04
N VAL A 121 20.57 5.99 -8.85
CA VAL A 121 19.19 6.48 -8.76
C VAL A 121 19.06 7.19 -7.42
N SER A 122 18.18 8.17 -7.36
CA SER A 122 17.93 8.82 -6.08
C SER A 122 16.57 8.40 -5.53
N GLN A 123 16.48 8.49 -4.21
CA GLN A 123 15.22 8.45 -3.50
C GLN A 123 15.24 9.51 -2.39
N CYS A 124 14.39 10.52 -2.54
CA CYS A 124 14.46 11.65 -1.63
C CYS A 124 13.33 11.72 -0.64
N GLU A 125 12.14 11.26 -1.02
CA GLU A 125 11.05 11.26 0.00
C GLU A 125 11.37 10.24 1.12
N ALA A 126 11.24 10.65 2.40
CA ALA A 126 10.83 11.97 2.80
C ALA A 126 12.01 12.90 3.07
N THR A 127 13.06 12.34 3.68
CA THR A 127 14.20 13.13 4.13
C THR A 127 15.48 12.65 3.51
N GLY A 128 15.44 12.25 2.23
CA GLY A 128 16.64 11.70 1.62
C GLY A 128 17.46 12.74 0.87
N PHE A 129 16.88 13.91 0.56
CA PHE A 129 17.65 14.92 -0.19
C PHE A 129 18.88 15.35 0.60
N ARG A 130 18.74 15.39 1.91
CA ARG A 130 19.86 15.82 2.78
C ARG A 130 21.01 14.80 2.82
N ARG A 131 20.83 13.63 2.20
CA ARG A 131 21.90 12.63 2.05
C ARG A 131 22.63 12.83 0.76
N ILE A 132 22.14 13.79 -0.04
CA ILE A 132 22.80 14.13 -1.31
C ILE A 132 23.59 15.44 -1.19
N THR A 133 22.98 16.45 -0.58
CA THR A 133 23.62 17.74 -0.42
C THR A 133 22.96 18.48 0.75
N PHE A 134 23.57 19.56 1.22
CA PHE A 134 22.94 20.32 2.29
C PHE A 134 21.67 20.98 1.85
N PHE A 135 20.68 21.00 2.74
CA PHE A 135 19.47 21.72 2.39
C PHE A 135 18.63 21.96 3.64
N ILE A 136 17.64 22.81 3.53
CA ILE A 136 16.64 22.90 4.59
C ILE A 136 15.53 21.93 4.16
N ASP A 137 15.72 20.68 4.58
CA ASP A 137 15.06 19.53 3.93
C ASP A 137 13.68 19.28 4.52
N ARG A 138 12.74 20.08 4.04
CA ARG A 138 11.37 20.02 4.48
C ARG A 138 10.52 20.48 3.32
N PRO A 139 9.32 19.91 3.18
CA PRO A 139 8.55 20.10 1.96
C PRO A 139 7.99 21.51 1.72
N ASP A 140 8.07 22.41 2.70
CA ASP A 140 7.58 23.79 2.47
C ASP A 140 8.64 24.71 1.88
N MET A 141 9.88 24.22 1.77
CA MET A 141 10.98 25.00 1.14
C MET A 141 10.97 24.80 -0.38
N MET A 142 10.23 25.66 -1.09
CA MET A 142 10.03 25.52 -2.51
C MET A 142 11.11 26.26 -3.28
N ALA A 143 11.68 25.60 -4.27
CA ALA A 143 12.79 26.20 -5.01
C ALA A 143 12.79 25.82 -6.48
N LYS A 144 13.53 26.58 -7.30
CA LYS A 144 13.79 26.20 -8.66
C LYS A 144 15.08 25.36 -8.71
N TYR A 145 15.18 24.48 -9.72
CA TYR A 145 16.28 23.55 -9.82
C TYR A 145 16.94 23.56 -11.15
N ASP A 146 18.27 23.68 -11.10
CA ASP A 146 19.09 23.57 -12.31
C ASP A 146 20.14 22.51 -12.05
N VAL A 147 20.03 21.36 -12.69
CA VAL A 147 20.82 20.22 -12.30
C VAL A 147 21.67 19.70 -13.44
N THR A 148 22.96 19.54 -13.18
CA THR A 148 23.81 18.98 -14.19
C THR A 148 24.38 17.63 -13.64
N VAL A 149 24.34 16.59 -14.46
CA VAL A 149 24.86 15.31 -14.05
C VAL A 149 25.94 15.00 -15.05
N THR A 150 27.08 14.55 -14.55
CA THR A 150 28.09 13.99 -15.46
C THR A 150 28.51 12.59 -14.99
N ALA A 151 29.03 11.79 -15.93
CA ALA A 151 29.28 10.38 -15.72
C ALA A 151 30.03 9.78 -16.90
N ASP A 152 30.65 8.62 -16.66
CA ASP A 152 31.20 7.81 -17.69
C ASP A 152 30.12 7.49 -18.72
N LYS A 153 30.36 7.85 -19.98
CA LYS A 153 29.38 7.68 -21.03
C LYS A 153 29.07 6.21 -21.31
N GLU A 154 30.09 5.35 -21.38
CA GLU A 154 29.87 3.95 -21.67
C GLU A 154 29.00 3.28 -20.58
N LYS A 155 29.29 3.58 -19.31
CA LYS A 155 28.52 2.98 -18.18
C LYS A 155 27.18 3.68 -17.93
N TYR A 156 27.13 4.98 -18.16
CA TYR A 156 25.91 5.75 -17.91
C TYR A 156 25.51 6.66 -19.09
N PRO A 157 25.13 6.07 -20.22
CA PRO A 157 24.72 6.78 -21.44
C PRO A 157 23.42 7.58 -21.28
N VAL A 158 22.54 7.19 -20.36
CA VAL A 158 21.25 7.84 -20.12
C VAL A 158 21.28 8.56 -18.78
N LEU A 159 21.14 9.89 -18.87
CA LEU A 159 21.19 10.78 -17.73
C LEU A 159 19.83 11.44 -17.66
N LEU A 160 19.21 11.38 -16.48
CA LEU A 160 17.90 11.96 -16.31
C LEU A 160 17.80 12.75 -15.00
N SER A 161 17.06 13.86 -15.05
CA SER A 161 16.63 14.56 -13.84
C SER A 161 15.33 15.26 -14.17
N ASN A 162 14.78 16.05 -13.25
CA ASN A 162 13.52 16.77 -13.47
C ASN A 162 13.67 17.88 -14.49
N GLY A 163 12.60 18.19 -15.18
CA GLY A 163 12.60 19.36 -16.08
C GLY A 163 12.99 19.08 -17.52
N ASP A 164 13.34 20.14 -18.22
CA ASP A 164 13.80 19.98 -19.60
C ASP A 164 15.30 19.73 -19.64
N LYS A 165 15.73 18.83 -20.53
CA LYS A 165 17.15 18.64 -20.78
C LYS A 165 17.53 19.80 -21.71
N VAL A 166 18.41 20.67 -21.24
CA VAL A 166 18.70 21.92 -21.95
C VAL A 166 20.05 21.87 -22.61
N ASN A 167 20.89 20.95 -22.15
CA ASN A 167 22.18 20.75 -22.76
C ASN A 167 22.74 19.34 -22.53
N GLU A 168 23.46 18.86 -23.54
CA GLU A 168 24.16 17.59 -23.49
C GLU A 168 25.54 17.94 -24.01
N PHE A 169 26.58 17.43 -23.37
CA PHE A 169 27.93 17.78 -23.75
C PHE A 169 28.87 16.62 -23.47
N GLU A 170 29.97 16.56 -24.23
CA GLU A 170 31.05 15.62 -23.98
C GLU A 170 32.06 16.19 -22.99
N ILE A 171 32.77 15.30 -22.28
CA ILE A 171 33.80 15.68 -21.32
C ILE A 171 35.01 14.78 -21.58
N PRO A 172 36.23 15.37 -21.60
CA PRO A 172 37.48 14.58 -21.67
C PRO A 172 37.50 13.43 -20.67
N GLY A 173 38.09 12.30 -21.07
CA GLY A 173 38.19 11.13 -20.21
C GLY A 173 37.05 10.14 -20.43
N GLY A 174 36.31 10.36 -21.51
CA GLY A 174 35.24 9.48 -21.94
C GLY A 174 33.95 9.73 -21.16
N ARG A 175 33.75 10.96 -20.69
CA ARG A 175 32.60 11.26 -19.85
C ARG A 175 31.68 12.12 -20.64
N HIS A 176 30.52 12.38 -20.05
CA HIS A 176 29.55 13.23 -20.71
C HIS A 176 28.62 13.82 -19.66
N GLY A 177 27.89 14.86 -20.04
CA GLY A 177 27.07 15.59 -19.09
C GLY A 177 25.74 15.94 -19.72
N ALA A 178 24.75 16.20 -18.86
CA ALA A 178 23.48 16.75 -19.29
C ALA A 178 23.01 17.69 -18.20
N ARG A 179 22.45 18.80 -18.64
CA ARG A 179 21.93 19.80 -17.77
C ARG A 179 20.41 19.85 -17.96
N PHE A 180 19.72 19.91 -16.83
CA PHE A 180 18.26 19.83 -16.80
C PHE A 180 17.81 21.04 -16.04
N ASN A 181 16.91 21.84 -16.61
CA ASN A 181 16.45 22.97 -15.87
C ASN A 181 14.98 22.82 -15.64
N ASP A 182 14.58 23.05 -14.40
CA ASP A 182 13.21 22.83 -13.96
C ASP A 182 12.70 24.11 -13.26
N PRO A 183 12.24 25.08 -14.06
CA PRO A 183 11.94 26.34 -13.40
C PRO A 183 10.73 26.34 -12.45
N PRO A 184 9.67 25.50 -12.64
CA PRO A 184 8.61 25.56 -11.64
C PRO A 184 9.09 25.18 -10.23
N LEU A 185 8.52 25.82 -9.22
CA LEU A 185 9.00 25.53 -7.85
C LEU A 185 8.62 24.12 -7.46
N LYS A 186 9.46 23.48 -6.66
CA LYS A 186 9.08 22.18 -6.09
C LYS A 186 9.80 21.99 -4.79
N PRO A 187 9.27 21.13 -3.92
CA PRO A 187 10.00 20.73 -2.72
C PRO A 187 11.11 19.76 -3.08
N CYS A 188 12.14 19.71 -2.24
CA CYS A 188 13.30 18.92 -2.58
C CYS A 188 13.02 17.39 -2.61
N TYR A 189 11.96 16.92 -1.90
CA TYR A 189 11.71 15.48 -1.92
C TYR A 189 11.25 15.04 -3.32
N LEU A 190 10.91 15.99 -4.18
CA LEU A 190 10.51 15.65 -5.55
C LEU A 190 11.66 15.73 -6.59
N PHE A 191 12.84 16.12 -6.14
CA PHE A 191 14.07 16.07 -6.99
C PHE A 191 14.38 14.58 -7.27
N ALA A 192 14.79 14.28 -8.50
CA ALA A 192 15.36 12.99 -8.78
C ALA A 192 16.43 13.06 -9.84
N VAL A 193 17.33 12.10 -9.78
CA VAL A 193 18.32 11.87 -10.83
C VAL A 193 18.49 10.39 -11.12
N VAL A 194 18.75 10.03 -12.38
CA VAL A 194 18.94 8.66 -12.77
C VAL A 194 20.07 8.70 -13.78
N ALA A 195 21.02 7.77 -13.66
CA ALA A 195 22.08 7.59 -14.67
C ALA A 195 22.24 6.09 -14.89
N GLY A 196 22.25 5.63 -16.14
CA GLY A 196 22.45 4.22 -16.43
C GLY A 196 22.41 3.88 -17.91
N ASP A 197 22.60 2.60 -18.18
CA ASP A 197 22.53 2.09 -19.55
C ASP A 197 21.09 1.65 -19.83
N LEU A 198 20.17 2.61 -19.82
CA LEU A 198 18.76 2.29 -19.80
C LEU A 198 18.22 2.14 -21.20
N LYS A 199 17.31 1.18 -21.42
CA LYS A 199 16.58 1.09 -22.69
C LYS A 199 15.14 1.49 -22.44
N HIS A 200 14.40 1.81 -23.48
CA HIS A 200 13.08 2.40 -23.28
C HIS A 200 12.09 2.03 -24.34
N LEU A 201 10.83 2.23 -24.00
CA LEU A 201 9.73 2.28 -24.96
C LEU A 201 9.17 3.67 -24.80
N SER A 202 8.57 4.23 -25.86
CA SER A 202 7.99 5.54 -25.73
C SER A 202 6.75 5.64 -26.58
N ALA A 203 5.94 6.62 -26.24
CA ALA A 203 4.74 6.99 -26.96
C ALA A 203 4.51 8.50 -26.84
N THR A 204 3.65 9.07 -27.69
CA THR A 204 3.25 10.46 -27.53
C THR A 204 1.78 10.48 -27.15
N TYR A 205 1.47 11.22 -26.10
CA TYR A 205 0.10 11.37 -25.64
C TYR A 205 -0.34 12.79 -25.95
N ILE A 206 -1.52 12.95 -26.53
CA ILE A 206 -2.03 14.27 -26.80
C ILE A 206 -3.13 14.55 -25.79
N THR A 207 -2.97 15.62 -25.00
CA THR A 207 -3.93 15.95 -23.94
C THR A 207 -5.30 16.34 -24.49
N LYS A 208 -6.32 16.13 -23.65
CA LYS A 208 -7.72 16.23 -24.06
C LYS A 208 -8.15 17.62 -24.45
N TYR A 209 -7.61 18.63 -23.78
CA TYR A 209 -8.15 19.96 -23.95
C TYR A 209 -7.16 20.91 -24.63
N THR A 210 -5.97 21.02 -24.04
CA THR A 210 -4.99 21.92 -24.60
C THR A 210 -4.32 21.32 -25.83
N LYS A 211 -4.52 20.02 -26.05
CA LYS A 211 -3.94 19.28 -27.18
C LYS A 211 -2.41 19.32 -27.13
N LYS A 212 -1.86 19.44 -25.94
CA LYS A 212 -0.39 19.43 -25.76
C LYS A 212 0.16 18.03 -26.02
N LYS A 213 1.29 17.95 -26.74
CA LYS A 213 1.94 16.68 -26.97
C LYS A 213 2.82 16.36 -25.78
N VAL A 214 2.57 15.21 -25.18
CA VAL A 214 3.41 14.81 -24.06
C VAL A 214 4.21 13.60 -24.44
N GLU A 215 5.53 13.64 -24.28
CA GLU A 215 6.33 12.46 -24.60
C GLU A 215 6.34 11.54 -23.35
N LEU A 216 5.99 10.28 -23.52
CA LEU A 216 6.08 9.27 -22.43
C LEU A 216 7.19 8.28 -22.69
N TYR A 217 8.14 8.16 -21.76
CA TYR A 217 9.25 7.23 -21.85
C TYR A 217 9.18 6.27 -20.65
N VAL A 218 9.25 4.98 -20.90
CA VAL A 218 9.40 3.99 -19.84
C VAL A 218 10.76 3.31 -20.01
N PHE A 219 11.51 3.22 -18.92
CA PHE A 219 12.89 2.79 -19.00
C PHE A 219 13.15 1.60 -18.12
N SER A 220 14.04 0.72 -18.57
CA SER A 220 14.57 -0.32 -17.69
C SER A 220 15.95 -0.73 -18.17
N GLU A 221 16.61 -1.57 -17.41
CA GLU A 221 17.83 -2.17 -17.98
C GLU A 221 17.50 -2.94 -19.26
N GLU A 222 18.52 -3.13 -20.12
CA GLU A 222 18.33 -3.74 -21.42
C GLU A 222 17.67 -5.11 -21.35
N LYS A 223 18.12 -5.94 -20.40
CA LYS A 223 17.55 -7.30 -20.23
C LYS A 223 16.02 -7.36 -20.19
N TYR A 224 15.39 -6.35 -19.62
CA TYR A 224 13.95 -6.43 -19.33
C TYR A 224 13.11 -5.45 -20.11
N VAL A 225 13.68 -4.86 -21.17
CA VAL A 225 12.98 -3.79 -21.85
C VAL A 225 11.67 -4.31 -22.48
N SER A 226 11.60 -5.59 -22.79
CA SER A 226 10.40 -6.19 -23.34
C SER A 226 9.29 -6.38 -22.30
N LYS A 227 9.57 -5.96 -21.08
CA LYS A 227 8.58 -6.06 -20.02
C LYS A 227 7.94 -4.71 -19.72
N LEU A 228 8.24 -3.70 -20.53
CA LEU A 228 7.78 -2.33 -20.27
C LEU A 228 6.45 -1.99 -20.91
N GLN A 229 5.94 -2.83 -21.81
CA GLN A 229 4.76 -2.36 -22.60
C GLN A 229 3.50 -2.11 -21.75
N TRP A 230 3.22 -2.98 -20.78
CA TRP A 230 1.99 -2.80 -20.00
C TRP A 230 2.05 -1.48 -19.21
N ALA A 231 3.18 -1.18 -18.60
CA ALA A 231 3.36 0.08 -17.89
C ALA A 231 3.00 1.28 -18.78
N LEU A 232 3.46 1.25 -20.04
CA LEU A 232 3.21 2.40 -20.92
C LEU A 232 1.72 2.48 -21.17
N GLU A 233 1.08 1.32 -21.35
CA GLU A 233 -0.39 1.30 -21.52
C GLU A 233 -1.12 1.82 -20.27
N CYS A 234 -0.61 1.44 -19.12
CA CYS A 234 -1.18 1.92 -17.84
C CYS A 234 -1.06 3.42 -17.69
N LEU A 235 0.08 3.98 -18.11
CA LEU A 235 0.35 5.40 -18.04
C LEU A 235 -0.66 6.16 -18.93
N LYS A 236 -0.84 5.70 -20.16
CA LYS A 236 -1.86 6.32 -21.02
C LYS A 236 -3.25 6.28 -20.39
N LYS A 237 -3.63 5.13 -19.87
CA LYS A 237 -4.89 4.99 -19.18
C LYS A 237 -5.03 5.95 -18.00
N SER A 238 -3.96 6.09 -17.22
CA SER A 238 -3.99 6.98 -16.08
C SER A 238 -4.26 8.40 -16.50
N MET A 239 -3.60 8.80 -17.59
CA MET A 239 -3.66 10.19 -18.00
C MET A 239 -5.06 10.47 -18.50
N ALA A 240 -5.62 9.51 -19.22
CA ALA A 240 -7.01 9.64 -19.78
C ALA A 240 -8.04 9.73 -18.66
N PHE A 241 -7.83 8.94 -17.61
CA PHE A 241 -8.77 8.95 -16.47
C PHE A 241 -8.74 10.29 -15.71
N ASP A 242 -7.55 10.81 -15.43
CA ASP A 242 -7.49 12.12 -14.79
C ASP A 242 -8.20 13.15 -15.68
N GLU A 243 -8.01 13.07 -16.99
CA GLU A 243 -8.77 13.96 -17.91
C GLU A 243 -10.27 13.72 -17.81
N ASP A 244 -10.69 12.46 -17.91
CA ASP A 244 -12.08 12.12 -18.08
C ASP A 244 -12.90 12.36 -16.82
N TYR A 245 -12.38 11.90 -15.69
CA TYR A 245 -13.13 11.97 -14.43
C TYR A 245 -12.96 13.32 -13.74
N PHE A 246 -11.74 13.84 -13.75
CA PHE A 246 -11.39 15.05 -13.03
C PHE A 246 -11.17 16.30 -13.87
N GLY A 247 -11.07 16.09 -15.18
CA GLY A 247 -10.83 17.20 -16.13
C GLY A 247 -9.46 17.78 -15.98
N LEU A 248 -8.52 16.94 -15.53
CA LEU A 248 -7.15 17.34 -15.29
C LEU A 248 -6.15 16.75 -16.28
N GLU A 249 -5.39 17.65 -16.92
CA GLU A 249 -4.38 17.26 -17.93
C GLU A 249 -2.97 17.40 -17.39
N TYR A 250 -2.04 16.70 -18.02
CA TYR A 250 -0.66 16.78 -17.57
C TYR A 250 -0.11 18.07 -18.12
N ASP A 251 0.75 18.69 -17.32
CA ASP A 251 1.23 20.05 -17.56
C ASP A 251 2.59 20.14 -18.23
N LEU A 252 3.34 19.03 -18.24
CA LEU A 252 4.77 19.07 -18.68
C LEU A 252 5.00 18.41 -20.03
N SER A 253 6.16 18.67 -20.66
CA SER A 253 6.48 18.14 -21.99
C SER A 253 6.70 16.64 -22.04
N ARG A 254 7.13 16.07 -20.91
CA ARG A 254 7.55 14.69 -20.90
C ARG A 254 7.30 14.07 -19.52
N LEU A 255 7.01 12.79 -19.50
CA LEU A 255 6.95 11.99 -18.26
C LEU A 255 7.81 10.75 -18.50
N ASN A 256 8.83 10.59 -17.65
CA ASN A 256 9.66 9.39 -17.58
C ASN A 256 9.25 8.49 -16.39
N LEU A 257 9.12 7.19 -16.67
CA LEU A 257 9.03 6.13 -15.65
C LEU A 257 10.25 5.23 -15.76
N VAL A 258 10.89 4.94 -14.64
CA VAL A 258 12.12 4.17 -14.64
C VAL A 258 12.01 3.02 -13.64
N ALA A 259 12.39 1.83 -14.06
CA ALA A 259 12.37 0.66 -13.20
C ALA A 259 13.77 0.44 -12.71
N VAL A 260 13.89 0.23 -11.41
CA VAL A 260 15.14 -0.21 -10.77
C VAL A 260 14.91 -1.45 -9.93
N SER A 261 15.95 -2.26 -9.82
CA SER A 261 15.86 -3.54 -9.10
C SER A 261 15.83 -3.44 -7.56
N ASP A 262 16.46 -2.42 -7.00
CA ASP A 262 16.58 -2.27 -5.56
C ASP A 262 15.80 -1.04 -5.15
N PHE A 263 14.72 -1.24 -4.38
CA PHE A 263 13.85 -0.10 -4.06
C PHE A 263 13.13 -0.43 -2.77
N ASN A 264 13.12 0.54 -1.85
CA ASN A 264 12.49 0.26 -0.52
C ASN A 264 11.00 0.05 -0.59
N VAL A 265 10.35 0.74 -1.51
CA VAL A 265 8.89 0.61 -1.59
C VAL A 265 8.43 0.21 -2.98
N GLY A 266 7.23 0.64 -3.38
CA GLY A 266 6.72 0.31 -4.71
C GLY A 266 7.17 1.30 -5.79
N ALA A 267 7.02 2.59 -5.56
CA ALA A 267 7.46 3.62 -6.54
C ALA A 267 7.43 5.02 -5.94
N MET A 268 7.84 6.02 -6.71
CA MET A 268 7.99 7.38 -6.18
C MET A 268 7.69 8.37 -7.25
N GLU A 269 6.83 9.36 -6.91
CA GLU A 269 6.29 10.29 -7.88
C GLU A 269 7.19 11.50 -8.21
N ASN A 270 8.52 11.33 -8.24
CA ASN A 270 9.37 12.54 -8.53
C ASN A 270 8.89 13.20 -9.81
N LYS A 271 8.90 14.54 -9.85
CA LYS A 271 8.17 15.30 -10.88
C LYS A 271 8.71 15.06 -12.28
N GLY A 272 7.89 14.49 -13.16
CA GLY A 272 8.36 14.11 -14.50
C GLY A 272 9.29 12.92 -14.57
N LEU A 273 9.66 12.39 -13.41
CA LEU A 273 10.66 11.32 -13.37
C LEU A 273 10.27 10.30 -12.27
N ASN A 274 9.20 9.58 -12.50
CA ASN A 274 8.72 8.57 -11.54
C ASN A 274 9.64 7.35 -11.55
N ILE A 275 10.02 6.89 -10.37
CA ILE A 275 10.98 5.82 -10.28
C ILE A 275 10.25 4.71 -9.56
N PHE A 276 10.38 3.51 -10.10
CA PHE A 276 9.66 2.32 -9.61
C PHE A 276 10.54 1.16 -9.18
N ASN A 277 10.05 0.43 -8.16
CA ASN A 277 10.51 -0.88 -7.94
C ASN A 277 10.19 -1.62 -9.24
N ALA A 278 11.16 -2.34 -9.80
CA ALA A 278 10.88 -3.12 -11.00
C ALA A 278 9.66 -4.01 -10.84
N ASN A 279 9.44 -4.54 -9.65
CA ASN A 279 8.26 -5.39 -9.46
C ASN A 279 6.91 -4.66 -9.62
N SER A 280 6.94 -3.34 -9.68
CA SER A 280 5.71 -2.57 -9.87
C SER A 280 5.66 -1.82 -11.20
N LEU A 281 6.58 -2.16 -12.10
CA LEU A 281 6.60 -1.56 -13.44
C LEU A 281 6.67 -2.59 -14.58
N LEU A 282 7.34 -3.72 -14.37
CA LEU A 282 7.73 -4.64 -15.43
C LEU A 282 6.88 -5.86 -15.37
N ALA A 283 6.33 -6.26 -16.52
CA ALA A 283 5.59 -7.52 -16.57
C ALA A 283 5.60 -8.06 -17.98
N SER A 284 5.55 -9.39 -18.08
CA SER A 284 5.16 -10.04 -19.33
C SER A 284 4.32 -11.27 -19.03
N LYS A 285 3.56 -11.69 -20.04
CA LYS A 285 2.70 -12.83 -19.84
C LYS A 285 3.51 -14.08 -19.55
N LYS A 286 4.68 -14.20 -20.18
CA LYS A 286 5.53 -15.34 -19.95
C LYS A 286 6.21 -15.33 -18.58
N ASN A 287 6.56 -14.14 -18.12
CA ASN A 287 7.44 -14.07 -16.96
C ASN A 287 6.88 -13.40 -15.70
N SER A 288 5.58 -13.18 -15.69
CA SER A 288 4.96 -12.56 -14.49
C SER A 288 3.73 -13.30 -14.10
N ILE A 289 3.39 -13.24 -12.80
CA ILE A 289 2.13 -13.76 -12.40
C ILE A 289 1.05 -12.72 -12.70
N ASP A 290 -0.20 -13.18 -12.72
CA ASP A 290 -1.37 -12.29 -12.98
C ASP A 290 -1.37 -11.01 -12.10
N PHE A 291 -1.03 -11.17 -10.82
CA PHE A 291 -1.04 -10.10 -9.83
C PHE A 291 -0.24 -8.88 -10.34
N SER A 292 0.85 -9.10 -11.06
CA SER A 292 1.65 -7.99 -11.59
C SER A 292 0.85 -7.01 -12.42
N TYR A 293 -0.12 -7.50 -13.19
CA TYR A 293 -0.85 -6.62 -14.05
C TYR A 293 -1.68 -5.58 -13.33
N ALA A 294 -2.42 -6.02 -12.33
CA ALA A 294 -3.13 -5.05 -11.48
C ALA A 294 -2.16 -4.17 -10.69
N ARG A 295 -1.05 -4.76 -10.21
CA ARG A 295 -0.10 -3.99 -9.40
C ARG A 295 0.47 -2.84 -10.20
N ILE A 296 0.84 -3.10 -11.44
CA ILE A 296 1.50 -2.09 -12.27
C ILE A 296 0.44 -1.03 -12.59
N LEU A 297 -0.77 -1.47 -12.90
CA LEU A 297 -1.86 -0.52 -13.17
C LEU A 297 -2.03 0.42 -11.94
N THR A 298 -2.13 -0.18 -10.75
CA THR A 298 -2.24 0.55 -9.50
C THR A 298 -1.08 1.53 -9.31
N VAL A 299 0.16 1.07 -9.50
CA VAL A 299 1.26 1.88 -9.04
C VAL A 299 1.55 2.97 -10.07
N VAL A 300 1.44 2.64 -11.37
CA VAL A 300 1.61 3.71 -12.41
C VAL A 300 0.52 4.75 -12.26
N GLY A 301 -0.70 4.26 -12.04
CA GLY A 301 -1.83 5.18 -11.84
C GLY A 301 -1.58 6.07 -10.64
N HIS A 302 -1.35 5.44 -9.49
CA HIS A 302 -1.14 6.15 -8.24
C HIS A 302 -0.01 7.23 -8.36
N GLU A 303 1.16 6.91 -8.87
CA GLU A 303 2.22 7.93 -8.94
C GLU A 303 1.84 9.00 -9.96
N TYR A 304 1.10 8.62 -11.01
CA TYR A 304 0.62 9.61 -11.98
C TYR A 304 -0.37 10.59 -11.32
N PHE A 305 -1.30 10.06 -10.56
CA PHE A 305 -2.23 10.93 -9.87
C PHE A 305 -1.60 11.93 -8.90
N HIS A 306 -0.44 11.58 -8.34
CA HIS A 306 0.24 12.52 -7.50
C HIS A 306 0.64 13.79 -8.24
N GLN A 307 0.71 13.73 -9.57
CA GLN A 307 1.16 14.96 -10.25
C GLN A 307 0.29 16.16 -9.82
N TYR A 308 -1.01 15.94 -9.57
CA TYR A 308 -1.87 16.93 -8.95
C TYR A 308 -1.86 16.83 -7.45
N THR A 309 -2.22 15.66 -6.92
CA THR A 309 -2.39 15.53 -5.48
C THR A 309 -1.08 15.10 -4.83
N GLY A 310 -0.22 16.10 -4.63
CA GLY A 310 1.14 15.86 -4.07
C GLY A 310 2.17 16.75 -4.75
N ASN A 311 2.12 16.83 -6.07
CA ASN A 311 3.17 17.58 -6.80
C ASN A 311 2.78 18.99 -7.16
N ARG A 312 1.55 19.19 -7.57
CA ARG A 312 1.10 20.57 -7.88
C ARG A 312 0.45 21.19 -6.67
N VAL A 313 -0.37 20.43 -5.96
CA VAL A 313 -0.86 20.88 -4.67
C VAL A 313 0.03 20.10 -3.71
N THR A 314 0.76 20.85 -2.89
CA THR A 314 1.87 20.28 -2.14
C THR A 314 1.53 20.22 -0.65
N LEU A 315 2.34 19.49 0.11
CA LEU A 315 2.18 19.51 1.58
C LEU A 315 3.07 20.56 2.23
N ARG A 316 2.50 21.22 3.23
CA ARG A 316 3.22 22.21 4.00
C ARG A 316 4.18 21.47 4.90
N ASP A 317 3.83 20.25 5.33
CA ASP A 317 4.63 19.52 6.32
C ASP A 317 4.16 18.07 6.33
N TRP A 318 4.97 17.21 6.92
CA TRP A 318 4.71 15.77 6.80
C TRP A 318 3.53 15.31 7.59
N PHE A 319 2.99 16.14 8.50
CA PHE A 319 1.77 15.70 9.21
C PHE A 319 0.54 15.62 8.30
N GLN A 320 0.60 16.34 7.19
CA GLN A 320 -0.47 16.28 6.18
C GLN A 320 -0.30 15.15 5.15
N LEU A 321 0.57 14.16 5.41
CA LEU A 321 0.85 13.13 4.42
C LEU A 321 -0.41 12.49 3.85
N THR A 322 -1.46 12.32 4.69
CA THR A 322 -2.66 11.61 4.23
C THR A 322 -3.37 12.42 3.12
N LEU A 323 -3.14 13.72 3.13
CA LEU A 323 -3.73 14.57 2.10
C LEU A 323 -3.13 14.28 0.71
N LYS A 324 -1.86 13.91 0.63
CA LYS A 324 -1.42 13.37 -0.65
C LYS A 324 -1.56 11.86 -0.77
N GLU A 325 -1.20 11.08 0.25
CA GLU A 325 -1.28 9.63 0.06
C GLU A 325 -2.70 9.05 0.13
N GLY A 326 -3.48 9.40 1.16
CA GLY A 326 -4.85 8.83 1.24
C GLY A 326 -5.67 9.33 0.03
N LEU A 327 -5.50 10.61 -0.34
CA LEU A 327 -6.27 11.14 -1.48
C LEU A 327 -5.82 10.50 -2.81
N THR A 328 -4.53 10.23 -2.95
CA THR A 328 -4.00 9.59 -4.15
C THR A 328 -4.43 8.12 -4.24
N VAL A 329 -4.42 7.44 -3.09
CA VAL A 329 -4.91 6.04 -3.07
C VAL A 329 -6.38 6.05 -3.55
N HIS A 330 -7.18 6.94 -2.97
CA HIS A 330 -8.58 7.10 -3.42
C HIS A 330 -8.70 7.35 -4.93
N ARG A 331 -7.87 8.25 -5.49
CA ARG A 331 -7.91 8.49 -6.92
C ARG A 331 -7.53 7.25 -7.71
N GLU A 332 -6.52 6.52 -7.23
CA GLU A 332 -6.13 5.28 -7.92
C GLU A 332 -7.22 4.17 -7.80
N ASN A 333 -7.95 4.15 -6.67
CA ASN A 333 -9.03 3.20 -6.52
C ASN A 333 -10.15 3.48 -7.52
N LEU A 334 -10.52 4.76 -7.69
CA LEU A 334 -11.57 5.10 -8.64
C LEU A 334 -11.11 4.66 -10.05
N PHE A 335 -9.87 4.97 -10.37
CA PHE A 335 -9.23 4.58 -11.66
C PHE A 335 -9.28 3.06 -11.92
N SER A 336 -8.73 2.31 -10.96
CA SER A 336 -8.63 0.87 -11.06
C SER A 336 -10.00 0.24 -11.14
N GLU A 337 -10.96 0.72 -10.34
CA GLU A 337 -12.31 0.22 -10.43
C GLU A 337 -12.86 0.40 -11.84
N GLU A 338 -12.56 1.55 -12.46
CA GLU A 338 -13.10 1.84 -13.79
C GLU A 338 -12.34 1.02 -14.85
N MET A 339 -11.06 0.76 -14.60
CA MET A 339 -10.22 0.09 -15.61
C MET A 339 -10.52 -1.39 -15.62
N THR A 340 -10.72 -1.98 -14.44
CA THR A 340 -10.82 -3.43 -14.33
C THR A 340 -12.25 -3.89 -14.59
N LYS A 341 -13.22 -3.03 -14.29
CA LYS A 341 -14.62 -3.36 -14.28
C LYS A 341 -14.98 -4.62 -13.50
N THR A 342 -14.19 -5.01 -12.50
CA THR A 342 -14.49 -6.20 -11.74
C THR A 342 -14.85 -5.74 -10.33
N VAL A 343 -15.69 -6.49 -9.62
CA VAL A 343 -16.02 -6.08 -8.24
C VAL A 343 -14.86 -6.36 -7.29
N THR A 344 -13.93 -7.21 -7.68
CA THR A 344 -12.84 -7.61 -6.80
C THR A 344 -11.77 -6.52 -6.54
N THR A 345 -11.77 -5.47 -7.38
CA THR A 345 -10.92 -4.33 -7.12
C THR A 345 -11.29 -3.67 -5.78
N ARG A 346 -12.56 -3.35 -5.63
CA ARG A 346 -13.04 -2.75 -4.38
C ARG A 346 -12.93 -3.76 -3.26
N LEU A 347 -13.37 -5.00 -3.49
CA LEU A 347 -13.32 -5.97 -2.39
C LEU A 347 -11.90 -6.20 -1.91
N SER A 348 -10.92 -6.23 -2.83
CA SER A 348 -9.54 -6.48 -2.39
C SER A 348 -9.06 -5.34 -1.48
N HIS A 349 -9.47 -4.11 -1.78
CA HIS A 349 -9.04 -2.98 -0.93
C HIS A 349 -9.66 -3.04 0.49
N VAL A 350 -10.95 -3.39 0.53
CA VAL A 350 -11.67 -3.58 1.76
C VAL A 350 -11.05 -4.75 2.60
N ASP A 351 -10.72 -5.85 1.92
CA ASP A 351 -10.06 -7.02 2.50
C ASP A 351 -8.74 -6.66 3.18
N LEU A 352 -7.94 -5.82 2.51
CA LEU A 352 -6.71 -5.30 3.12
C LEU A 352 -7.01 -4.40 4.30
N LEU A 353 -7.94 -3.45 4.15
CA LEU A 353 -8.16 -2.47 5.25
C LEU A 353 -8.58 -3.22 6.52
N ARG A 354 -9.52 -4.14 6.36
CA ARG A 354 -10.17 -4.74 7.55
C ARG A 354 -9.29 -5.80 8.15
N SER A 355 -8.25 -6.22 7.44
CA SER A 355 -7.30 -7.13 8.06
C SER A 355 -6.13 -6.31 8.63
N VAL A 356 -5.31 -5.80 7.71
CA VAL A 356 -4.06 -5.14 8.06
C VAL A 356 -4.24 -3.79 8.77
N GLN A 357 -5.15 -2.94 8.28
CA GLN A 357 -5.27 -1.61 8.87
C GLN A 357 -6.05 -1.69 10.15
N PHE A 358 -7.07 -2.55 10.20
CA PHE A 358 -7.83 -2.69 11.49
C PHE A 358 -6.92 -3.21 12.59
N LEU A 359 -6.04 -4.14 12.21
CA LEU A 359 -5.02 -4.66 13.12
C LEU A 359 -4.16 -3.52 13.66
N GLU A 360 -3.62 -2.70 12.74
CA GLU A 360 -2.81 -1.56 13.15
C GLU A 360 -3.58 -0.64 14.12
N ASP A 361 -4.83 -0.33 13.78
CA ASP A 361 -5.66 0.60 14.55
C ASP A 361 -6.08 0.09 15.95
N SER A 362 -5.88 -1.19 16.23
CA SER A 362 -6.15 -1.73 17.56
C SER A 362 -4.80 -2.12 18.23
N SER A 363 -3.69 -1.80 17.57
CA SER A 363 -2.36 -2.14 18.07
C SER A 363 -1.82 -0.97 18.85
N PRO A 364 -0.68 -1.20 19.56
CA PRO A 364 -0.02 -0.12 20.26
C PRO A 364 0.48 0.95 19.29
N LEU A 365 0.47 0.66 17.98
CA LEU A 365 0.87 1.64 16.94
C LEU A 365 -0.30 2.52 16.43
N SER A 366 -1.51 2.24 16.91
CA SER A 366 -2.70 3.06 16.51
C SER A 366 -2.47 4.58 16.49
N HIS A 367 -2.87 5.19 15.37
CA HIS A 367 -2.73 6.63 15.18
C HIS A 367 -3.86 7.11 14.28
N PRO A 368 -4.17 8.41 14.34
CA PRO A 368 -5.15 8.92 13.40
C PRO A 368 -4.48 9.13 12.07
N ILE A 369 -5.27 9.46 11.06
CA ILE A 369 -4.67 9.53 9.75
C ILE A 369 -3.82 10.80 9.63
N ARG A 370 -4.07 11.77 10.51
CA ARG A 370 -3.16 12.92 10.73
C ARG A 370 -2.58 12.95 12.15
N PRO A 371 -1.45 12.30 12.38
CA PRO A 371 -0.87 12.21 13.70
C PRO A 371 -0.49 13.58 14.30
N GLU A 372 -0.36 13.61 15.61
CA GLU A 372 -0.11 14.84 16.33
C GLU A 372 1.37 15.00 16.60
N SER A 373 2.12 13.94 16.41
CA SER A 373 3.54 13.93 16.72
C SER A 373 4.18 12.78 16.01
N TYR A 374 5.50 12.88 15.88
CA TYR A 374 6.27 11.79 15.37
C TYR A 374 7.72 11.91 15.82
N VAL A 375 8.41 10.77 15.88
CA VAL A 375 9.85 10.73 16.04
C VAL A 375 10.45 10.21 14.74
N SER A 376 9.79 9.22 14.13
CA SER A 376 10.27 8.72 12.84
C SER A 376 9.14 8.73 11.80
N MET A 377 9.51 8.72 10.51
CA MET A 377 8.52 8.68 9.41
C MET A 377 7.67 7.39 9.36
N GLU A 378 8.10 6.33 10.05
CA GLU A 378 7.22 5.18 10.25
C GLU A 378 5.89 5.56 10.83
N ASN A 379 5.82 6.71 11.50
CA ASN A 379 4.58 7.12 12.13
C ASN A 379 3.65 7.65 11.08
N PHE A 380 4.17 7.92 9.88
CA PHE A 380 3.34 8.45 8.82
C PHE A 380 3.09 7.49 7.71
N TYR A 381 4.08 6.70 7.30
CA TYR A 381 3.91 5.95 6.06
C TYR A 381 3.29 4.58 6.33
N THR A 382 2.00 4.59 6.58
CA THR A 382 1.34 3.45 7.20
C THR A 382 0.06 3.14 6.46
N THR A 383 -0.43 1.92 6.67
CA THR A 383 -1.73 1.55 6.15
C THR A 383 -2.82 2.49 6.68
N THR A 384 -2.65 3.01 7.90
CA THR A 384 -3.67 3.94 8.43
C THR A 384 -3.70 5.22 7.58
N VAL A 385 -2.53 5.75 7.37
CA VAL A 385 -2.46 7.05 6.69
C VAL A 385 -2.88 6.84 5.21
N TYR A 386 -2.43 5.76 4.63
CA TYR A 386 -2.77 5.49 3.23
C TYR A 386 -4.19 4.97 3.00
N ASP A 387 -4.53 3.90 3.72
CA ASP A 387 -5.73 3.11 3.36
C ASP A 387 -6.95 3.58 4.13
N LYS A 388 -6.80 3.81 5.42
CA LYS A 388 -7.90 4.50 6.11
C LYS A 388 -8.01 5.93 5.57
N GLY A 389 -6.87 6.57 5.28
CA GLY A 389 -6.94 7.90 4.64
C GLY A 389 -7.75 7.84 3.33
N SER A 390 -7.46 6.83 2.51
CA SER A 390 -8.26 6.65 1.28
C SER A 390 -9.75 6.49 1.54
N GLU A 391 -10.10 5.73 2.59
CA GLU A 391 -11.55 5.54 2.86
C GLU A 391 -12.17 6.86 3.36
N VAL A 392 -11.39 7.65 4.12
CA VAL A 392 -11.83 9.01 4.52
C VAL A 392 -12.02 9.92 3.30
N MET A 393 -11.10 9.82 2.34
CA MET A 393 -11.29 10.56 1.12
C MET A 393 -12.48 10.05 0.31
N ARG A 394 -12.75 8.74 0.31
CA ARG A 394 -13.86 8.19 -0.48
C ARG A 394 -15.18 8.55 0.17
N MET A 395 -15.21 8.67 1.50
CA MET A 395 -16.46 9.07 2.15
C MET A 395 -16.96 10.42 1.66
N TYR A 396 -16.08 11.36 1.30
CA TYR A 396 -16.58 12.58 0.69
C TYR A 396 -17.39 12.28 -0.56
N LEU A 397 -16.89 11.37 -1.42
CA LEU A 397 -17.64 11.04 -2.63
C LEU A 397 -19.01 10.39 -2.32
N THR A 398 -19.01 9.52 -1.33
CA THR A 398 -20.27 8.88 -0.88
C THR A 398 -21.32 9.88 -0.36
N ILE A 399 -20.86 10.85 0.41
CA ILE A 399 -21.71 11.88 1.02
C ILE A 399 -22.22 12.80 -0.07
N LEU A 400 -21.33 13.22 -0.98
CA LEU A 400 -21.67 14.24 -1.96
C LEU A 400 -22.30 13.70 -3.23
N GLY A 401 -22.09 12.42 -3.53
CA GLY A 401 -22.33 11.95 -4.88
C GLY A 401 -21.33 12.52 -5.89
N GLU A 402 -21.36 11.95 -7.09
CA GLU A 402 -20.33 12.18 -8.09
C GLU A 402 -20.21 13.61 -8.60
N GLU A 403 -21.35 14.22 -8.97
CA GLU A 403 -21.31 15.59 -9.46
C GLU A 403 -20.77 16.57 -8.46
N TYR A 404 -21.27 16.53 -7.22
CA TYR A 404 -20.83 17.49 -6.22
C TYR A 404 -19.43 17.17 -5.70
N TYR A 405 -19.09 15.89 -5.66
CA TYR A 405 -17.70 15.55 -5.29
C TYR A 405 -16.69 16.17 -6.28
N LYS A 406 -16.99 16.00 -7.56
CA LYS A 406 -16.13 16.52 -8.61
C LYS A 406 -16.07 18.04 -8.50
N LYS A 407 -17.20 18.67 -8.20
CA LYS A 407 -17.21 20.11 -8.01
C LYS A 407 -16.31 20.51 -6.83
N GLY A 408 -16.42 19.79 -5.71
CA GLY A 408 -15.56 20.09 -4.53
C GLY A 408 -14.10 19.78 -4.77
N PHE A 409 -13.83 18.68 -5.46
CA PHE A 409 -12.47 18.34 -5.78
C PHE A 409 -11.86 19.46 -6.63
N ASP A 410 -12.61 19.96 -7.60
CA ASP A 410 -12.05 20.99 -8.50
C ASP A 410 -11.85 22.33 -7.77
N ILE A 411 -12.74 22.62 -6.81
CA ILE A 411 -12.49 23.74 -5.91
C ILE A 411 -11.15 23.58 -5.20
N TYR A 412 -10.85 22.39 -4.71
CA TYR A 412 -9.60 22.20 -3.99
C TYR A 412 -8.40 22.42 -4.92
N ILE A 413 -8.52 21.89 -6.13
CA ILE A 413 -7.40 21.96 -7.06
C ILE A 413 -7.17 23.41 -7.50
N LYS A 414 -8.25 24.07 -7.90
CA LYS A 414 -8.12 25.44 -8.42
C LYS A 414 -7.63 26.41 -7.36
N LYS A 415 -8.11 26.23 -6.13
CA LYS A 415 -7.72 27.12 -5.04
C LYS A 415 -6.28 26.89 -4.61
N ASN A 416 -5.79 25.66 -4.66
CA ASN A 416 -4.50 25.34 -4.06
C ASN A 416 -3.39 24.95 -5.02
N ASP A 417 -3.73 24.87 -6.29
CA ASP A 417 -2.75 24.51 -7.32
C ASP A 417 -1.50 25.39 -7.19
N GLY A 418 -0.35 24.72 -7.04
CA GLY A 418 1.02 25.22 -6.78
C GLY A 418 1.09 26.23 -5.66
N ASN A 419 0.19 26.16 -4.69
CA ASN A 419 0.50 26.04 -3.27
C ASN A 419 0.50 24.80 -2.37
N THR A 420 0.78 25.04 -1.09
CA THR A 420 0.71 24.00 -0.06
C THR A 420 -0.68 24.02 0.48
N ALA A 421 -1.18 22.86 0.88
CA ALA A 421 -2.50 22.75 1.42
C ALA A 421 -2.47 21.87 2.68
N THR A 422 -3.49 21.97 3.50
CA THR A 422 -3.54 21.08 4.68
C THR A 422 -4.83 20.33 4.55
N CYS A 423 -5.10 19.37 5.46
CA CYS A 423 -6.32 18.60 5.37
C CYS A 423 -7.53 19.50 5.53
N GLU A 424 -7.39 20.54 6.34
CA GLU A 424 -8.47 21.50 6.51
C GLU A 424 -8.87 22.18 5.19
N ASP A 425 -7.89 22.49 4.34
CA ASP A 425 -8.14 23.07 3.00
C ASP A 425 -9.00 22.12 2.15
N PHE A 426 -8.70 20.81 2.26
CA PHE A 426 -9.51 19.82 1.53
C PHE A 426 -10.92 19.76 2.08
N ASN A 427 -11.04 19.70 3.40
CA ASN A 427 -12.35 19.66 4.03
C ASN A 427 -13.21 20.88 3.69
N TYR A 428 -12.57 22.05 3.69
CA TYR A 428 -13.17 23.31 3.25
C TYR A 428 -13.80 23.18 1.87
N ALA A 429 -13.00 22.72 0.90
CA ALA A 429 -13.48 22.58 -0.47
C ALA A 429 -14.64 21.62 -0.60
N MET A 430 -14.53 20.47 0.05
CA MET A 430 -15.67 19.55 0.18
C MET A 430 -16.91 20.17 0.85
N GLU A 431 -16.68 21.00 1.86
CA GLU A 431 -17.78 21.66 2.58
C GLU A 431 -18.54 22.62 1.64
N GLN A 432 -17.80 23.38 0.82
CA GLN A 432 -18.43 24.28 -0.17
C GLN A 432 -19.33 23.47 -1.10
N ALA A 433 -18.91 22.27 -1.49
CA ALA A 433 -19.75 21.38 -2.27
C ALA A 433 -20.93 20.88 -1.46
N TYR A 434 -20.70 20.64 -0.17
CA TYR A 434 -21.74 20.12 0.72
C TYR A 434 -22.84 21.16 0.86
N LYS A 435 -22.43 22.42 0.96
CA LYS A 435 -23.37 23.55 1.06
C LYS A 435 -24.24 23.62 -0.19
N MET A 436 -23.60 23.62 -1.35
CA MET A 436 -24.26 23.62 -2.65
C MET A 436 -25.23 22.46 -2.80
N LYS A 437 -24.83 21.29 -2.32
CA LYS A 437 -25.65 20.09 -2.43
C LYS A 437 -26.89 20.10 -1.51
N LYS A 438 -26.71 20.56 -0.27
CA LYS A 438 -27.81 20.63 0.72
C LYS A 438 -28.70 21.87 0.46
N ALA A 439 -28.19 22.80 -0.35
CA ALA A 439 -28.85 24.07 -0.60
C ALA A 439 -29.01 24.87 0.69
N ASP A 440 -27.89 25.07 1.39
CA ASP A 440 -27.81 26.10 2.44
C ASP A 440 -26.43 26.25 3.09
N ASN A 441 -25.98 27.52 3.14
CA ASN A 441 -24.70 27.88 3.72
C ASN A 441 -24.58 27.69 5.23
N SER A 442 -25.63 27.18 5.85
CA SER A 442 -25.62 26.87 7.26
C SER A 442 -24.84 25.58 7.47
N ALA A 443 -25.00 24.65 6.51
CA ALA A 443 -24.48 23.28 6.61
C ALA A 443 -22.96 23.29 6.57
N ASN A 444 -22.35 22.40 7.35
CA ASN A 444 -20.92 22.36 7.42
C ASN A 444 -20.44 20.95 7.65
N LEU A 445 -19.13 20.78 7.52
CA LEU A 445 -18.51 19.49 7.75
C LEU A 445 -17.49 19.60 8.86
N ASN A 446 -17.80 20.37 9.90
CA ASN A 446 -16.84 20.51 10.97
C ASN A 446 -16.64 19.19 11.69
N GLN A 447 -17.74 18.46 11.88
CA GLN A 447 -17.70 17.15 12.55
C GLN A 447 -16.83 16.16 11.76
N TYR A 448 -16.87 16.29 10.45
CA TYR A 448 -16.08 15.44 9.54
C TYR A 448 -14.59 15.44 9.86
N LEU A 449 -14.07 16.59 10.33
CA LEU A 449 -12.67 16.75 10.68
C LEU A 449 -12.18 15.75 11.73
N LEU A 450 -13.12 15.22 12.50
CA LEU A 450 -12.78 14.17 13.44
C LEU A 450 -12.17 12.90 12.78
N TRP A 451 -12.57 12.59 11.55
CA TRP A 451 -11.92 11.51 10.82
C TRP A 451 -10.41 11.70 10.64
N PHE A 452 -9.93 12.95 10.65
CA PHE A 452 -8.52 13.20 10.58
C PHE A 452 -7.83 13.12 11.93
N SER A 453 -8.50 13.46 13.01
CA SER A 453 -7.79 13.50 14.32
C SER A 453 -8.02 12.32 15.26
N GLN A 454 -9.11 11.60 15.04
CA GLN A 454 -9.46 10.49 15.95
C GLN A 454 -8.92 9.13 15.46
N SER A 455 -8.22 8.42 16.34
CA SER A 455 -7.67 7.08 16.04
C SER A 455 -8.68 6.01 16.42
N GLY A 456 -8.47 4.82 15.88
CA GLY A 456 -9.29 3.65 16.28
C GLY A 456 -10.41 3.44 15.27
N THR A 457 -10.95 2.22 15.25
CA THR A 457 -11.99 1.88 14.29
C THR A 457 -13.34 1.99 14.98
N PRO A 458 -14.27 2.74 14.38
CA PRO A 458 -15.60 2.84 14.98
C PRO A 458 -16.32 1.50 14.82
N HIS A 459 -17.11 1.17 15.81
CA HIS A 459 -18.01 0.03 15.74
C HIS A 459 -19.43 0.54 15.50
N VAL A 460 -20.10 0.05 14.47
CA VAL A 460 -21.44 0.51 14.18
C VAL A 460 -22.37 -0.72 14.29
N SER A 461 -23.37 -0.63 15.14
CA SER A 461 -24.25 -1.75 15.44
C SER A 461 -25.71 -1.35 15.22
N PHE A 462 -26.52 -2.36 14.96
CA PHE A 462 -27.90 -2.14 14.44
C PHE A 462 -28.93 -2.92 15.22
N LYS A 463 -30.12 -2.33 15.36
CA LYS A 463 -31.33 -3.06 15.80
C LYS A 463 -32.44 -2.62 14.87
N TYR A 464 -33.45 -3.47 14.68
CA TYR A 464 -34.47 -3.17 13.69
C TYR A 464 -35.85 -3.27 14.28
N ASN A 465 -36.81 -2.59 13.64
CA ASN A 465 -38.17 -2.82 14.02
C ASN A 465 -39.03 -2.75 12.77
N TYR A 466 -39.95 -3.70 12.63
CA TYR A 466 -40.95 -3.65 11.58
C TYR A 466 -42.38 -3.73 12.10
N ASP A 467 -43.18 -2.73 11.78
CA ASP A 467 -44.61 -2.75 12.09
C ASP A 467 -45.40 -3.08 10.84
N ALA A 468 -45.91 -4.30 10.81
CA ALA A 468 -46.52 -4.85 9.63
C ALA A 468 -47.81 -4.08 9.30
N GLU A 469 -48.59 -3.74 10.33
CA GLU A 469 -49.82 -2.94 10.13
C GLU A 469 -49.53 -1.56 9.59
N LYS A 470 -48.52 -0.90 10.16
CA LYS A 470 -48.16 0.45 9.75
C LYS A 470 -47.29 0.51 8.52
N LYS A 471 -46.77 -0.63 8.07
CA LYS A 471 -45.79 -0.62 6.94
C LYS A 471 -44.59 0.29 7.23
N GLN A 472 -44.09 0.21 8.47
CA GLN A 472 -43.14 1.18 8.97
C GLN A 472 -41.93 0.45 9.49
N TYR A 473 -40.76 0.77 8.96
CA TYR A 473 -39.55 0.01 9.26
C TYR A 473 -38.55 0.96 9.88
N SER A 474 -37.84 0.48 10.90
CA SER A 474 -36.94 1.31 11.65
C SER A 474 -35.59 0.64 11.79
N ILE A 475 -34.54 1.40 11.50
CA ILE A 475 -33.18 0.97 11.74
C ILE A 475 -32.60 1.87 12.82
N HIS A 476 -32.21 1.25 13.91
CA HIS A 476 -31.67 1.95 15.08
C HIS A 476 -30.18 1.70 15.02
N VAL A 477 -29.37 2.74 15.01
CA VAL A 477 -27.96 2.59 14.74
C VAL A 477 -27.21 3.23 15.90
N ASN A 478 -26.13 2.59 16.33
CA ASN A 478 -25.28 3.10 17.37
C ASN A 478 -23.84 3.09 16.83
N GLN A 479 -23.03 4.10 17.22
CA GLN A 479 -21.60 4.04 16.94
C GLN A 479 -20.82 4.14 18.27
N TYR A 480 -19.68 3.50 18.30
CA TYR A 480 -18.83 3.55 19.47
C TYR A 480 -17.43 3.40 18.95
N THR A 481 -16.47 4.19 19.44
CA THR A 481 -15.06 3.90 19.22
C THR A 481 -14.40 3.71 20.58
N LYS A 482 -13.64 2.62 20.70
CA LYS A 482 -12.96 2.27 21.98
C LYS A 482 -11.91 3.33 22.30
N PRO A 483 -11.91 3.81 23.54
CA PRO A 483 -10.84 4.74 23.96
C PRO A 483 -9.49 4.08 23.75
N ASP A 484 -8.46 4.88 23.49
CA ASP A 484 -7.10 4.36 23.32
C ASP A 484 -6.09 5.37 23.85
N GLU A 485 -4.84 5.29 23.47
CA GLU A 485 -3.80 6.19 23.99
C GLU A 485 -3.96 7.63 23.50
N ASN A 486 -4.63 7.81 22.37
CA ASN A 486 -4.79 9.14 21.73
C ASN A 486 -6.00 9.96 22.19
N GLN A 487 -7.12 9.30 22.44
CA GLN A 487 -8.29 9.98 22.99
C GLN A 487 -8.93 9.12 24.08
N LYS A 488 -9.07 9.69 25.27
CA LYS A 488 -9.69 9.01 26.39
C LYS A 488 -11.19 8.96 26.16
N GLU A 489 -11.72 9.98 25.50
CA GLU A 489 -13.14 10.10 25.22
C GLU A 489 -13.22 10.30 23.72
N LYS A 490 -13.91 9.40 23.04
CA LYS A 490 -13.98 9.42 21.59
C LYS A 490 -15.28 10.13 21.24
N LYS A 491 -15.30 10.97 20.22
CA LYS A 491 -16.53 11.65 19.85
C LYS A 491 -17.22 10.90 18.72
N PRO A 492 -18.54 11.04 18.57
CA PRO A 492 -19.20 10.44 17.41
C PRO A 492 -18.70 11.07 16.12
N LEU A 493 -18.53 10.23 15.11
CA LEU A 493 -18.09 10.67 13.81
C LEU A 493 -19.27 10.84 12.88
N PHE A 494 -19.05 11.55 11.79
CA PHE A 494 -20.00 11.64 10.68
C PHE A 494 -19.82 10.37 9.85
N ILE A 495 -20.73 9.42 10.02
CA ILE A 495 -20.67 8.13 9.34
C ILE A 495 -21.76 8.07 8.28
N PRO A 496 -21.35 7.96 7.01
CA PRO A 496 -22.35 7.81 5.96
C PRO A 496 -22.63 6.30 5.75
N ILE A 497 -23.91 5.91 5.77
CA ILE A 497 -24.27 4.50 5.72
C ILE A 497 -25.11 4.24 4.51
N SER A 498 -24.51 3.80 3.41
CA SER A 498 -25.26 3.53 2.17
C SER A 498 -26.04 2.28 2.41
N VAL A 499 -27.34 2.34 2.16
CA VAL A 499 -28.22 1.23 2.54
C VAL A 499 -29.18 0.91 1.46
N GLY A 500 -29.61 -0.33 1.48
CA GLY A 500 -30.73 -0.76 0.66
C GLY A 500 -31.65 -1.61 1.56
N LEU A 501 -32.87 -1.80 1.09
CA LEU A 501 -33.78 -2.68 1.75
C LEU A 501 -34.17 -3.70 0.72
N ILE A 502 -33.88 -4.95 1.00
CA ILE A 502 -34.20 -6.06 0.08
C ILE A 502 -35.48 -6.78 0.52
N ASN A 503 -36.45 -6.90 -0.40
CA ASN A 503 -37.63 -7.71 -0.16
C ASN A 503 -37.20 -9.20 -0.18
N PRO A 504 -37.39 -9.90 0.93
CA PRO A 504 -36.90 -11.28 1.01
C PRO A 504 -37.75 -12.25 0.13
N GLU A 505 -38.95 -11.85 -0.24
CA GLU A 505 -39.80 -12.65 -1.13
C GLU A 505 -39.30 -12.76 -2.56
N ASN A 506 -38.73 -11.66 -3.10
CA ASN A 506 -38.38 -11.62 -4.52
C ASN A 506 -36.99 -11.04 -4.79
N GLY A 507 -36.26 -10.74 -3.72
CA GLY A 507 -34.93 -10.18 -3.87
C GLY A 507 -34.86 -8.74 -4.38
N LYS A 508 -36.00 -8.06 -4.50
CA LYS A 508 -36.04 -6.70 -5.10
C LYS A 508 -35.69 -5.53 -4.18
N GLU A 509 -35.15 -4.45 -4.74
CA GLU A 509 -34.90 -3.25 -3.95
C GLU A 509 -36.23 -2.64 -3.51
N MET A 510 -36.32 -2.25 -2.24
CA MET A 510 -37.57 -1.65 -1.78
C MET A 510 -37.48 -0.12 -1.64
N ILE A 511 -36.27 0.42 -1.60
CA ILE A 511 -36.10 1.87 -1.57
C ILE A 511 -35.08 2.33 -2.63
N SER A 512 -35.11 3.62 -2.97
CA SER A 512 -34.08 4.22 -3.84
C SER A 512 -32.77 4.33 -3.06
N GLN A 513 -31.69 4.71 -3.78
CA GLN A 513 -30.36 4.96 -3.22
C GLN A 513 -30.49 5.86 -2.03
N THR A 514 -29.91 5.43 -0.93
CA THR A 514 -30.11 6.12 0.30
C THR A 514 -28.83 6.01 1.09
N THR A 515 -28.34 7.15 1.57
CA THR A 515 -27.19 7.16 2.46
C THR A 515 -27.64 7.80 3.74
N LEU A 516 -27.69 7.00 4.80
CA LEU A 516 -28.01 7.45 6.14
C LEU A 516 -26.82 8.25 6.66
N GLU A 517 -27.08 9.44 7.20
CA GLU A 517 -26.01 10.24 7.76
C GLU A 517 -26.11 10.12 9.27
N LEU A 518 -25.25 9.30 9.82
CA LEU A 518 -25.23 9.13 11.26
C LEU A 518 -24.18 10.11 11.80
N THR A 519 -24.65 11.05 12.62
CA THR A 519 -23.80 12.09 13.16
C THR A 519 -23.82 12.11 14.67
N LYS A 520 -24.62 11.25 15.28
CA LYS A 520 -24.72 11.23 16.74
C LYS A 520 -24.29 9.87 17.23
N GLU A 521 -24.19 9.69 18.53
CA GLU A 521 -23.85 8.40 19.08
C GLU A 521 -24.89 7.35 18.70
N SER A 522 -26.14 7.76 18.49
CA SER A 522 -27.15 6.83 18.00
C SER A 522 -28.24 7.62 17.33
N ASP A 523 -28.95 6.96 16.44
CA ASP A 523 -30.08 7.59 15.77
C ASP A 523 -31.03 6.49 15.31
N THR A 524 -32.28 6.81 15.07
CA THR A 524 -33.20 5.83 14.52
C THR A 524 -33.71 6.35 13.22
N PHE A 525 -33.60 5.54 12.16
CA PHE A 525 -34.03 5.92 10.82
C PHE A 525 -35.27 5.18 10.47
N VAL A 526 -36.33 5.89 10.18
CA VAL A 526 -37.62 5.25 10.03
C VAL A 526 -37.97 5.37 8.56
N PHE A 527 -38.55 4.32 8.01
CA PHE A 527 -39.01 4.35 6.64
C PHE A 527 -40.46 3.95 6.62
N ASN A 528 -41.27 4.74 5.93
CA ASN A 528 -42.69 4.45 5.76
C ASN A 528 -43.01 3.73 4.46
N ASN A 529 -44.23 3.21 4.33
CA ASN A 529 -44.63 2.52 3.11
C ASN A 529 -43.61 1.42 2.74
N ILE A 530 -43.22 0.65 3.76
CA ILE A 530 -42.39 -0.53 3.56
C ILE A 530 -43.34 -1.74 3.64
N ALA A 531 -43.64 -2.35 2.47
CA ALA A 531 -44.78 -3.28 2.37
C ALA A 531 -44.59 -4.58 3.11
N VAL A 532 -43.33 -4.96 3.30
CA VAL A 532 -43.05 -6.26 3.89
C VAL A 532 -41.78 -6.04 4.69
N LYS A 533 -41.53 -6.91 5.64
CA LYS A 533 -40.32 -6.75 6.47
C LYS A 533 -39.11 -7.02 5.59
N PRO A 534 -38.19 -6.05 5.50
CA PRO A 534 -37.09 -6.16 4.55
C PRO A 534 -35.91 -6.77 5.26
N ILE A 535 -34.95 -7.20 4.49
CA ILE A 535 -33.62 -7.50 5.02
C ILE A 535 -32.78 -6.29 4.64
N PRO A 536 -32.15 -5.66 5.61
CA PRO A 536 -31.35 -4.47 5.28
C PRO A 536 -29.96 -4.79 4.72
N SER A 537 -29.57 -3.98 3.73
CA SER A 537 -28.30 -4.13 3.04
C SER A 537 -27.52 -2.94 3.50
N LEU A 538 -26.60 -3.18 4.41
CA LEU A 538 -25.99 -2.10 5.16
C LEU A 538 -24.52 -1.85 4.79
N PHE A 539 -24.17 -0.57 4.65
CA PHE A 539 -22.79 -0.15 4.29
C PHE A 539 -22.40 -0.64 2.87
N ARG A 540 -23.35 -0.54 1.94
CA ARG A 540 -23.09 -0.90 0.58
C ARG A 540 -21.81 -0.21 0.10
N GLY A 541 -20.99 -1.00 -0.60
CA GLY A 541 -19.71 -0.50 -1.17
C GLY A 541 -18.66 -0.37 -0.07
N PHE A 542 -19.00 -0.83 1.16
CA PHE A 542 -18.25 -0.53 2.43
C PHE A 542 -18.14 0.97 2.64
N SER A 543 -19.23 1.59 3.09
CA SER A 543 -19.35 3.02 2.90
C SER A 543 -18.67 3.83 4.00
N ALA A 544 -18.17 3.17 5.05
CA ALA A 544 -17.37 3.88 6.06
C ALA A 544 -16.44 2.83 6.68
N PRO A 545 -15.24 3.23 7.12
CA PRO A 545 -14.23 2.31 7.59
C PRO A 545 -14.51 1.95 9.06
N VAL A 546 -15.40 0.97 9.25
CA VAL A 546 -15.92 0.66 10.56
C VAL A 546 -16.07 -0.85 10.73
N TYR A 547 -16.17 -1.30 11.98
CA TYR A 547 -16.62 -2.67 12.29
C TYR A 547 -18.16 -2.64 12.18
N ILE A 548 -18.70 -3.45 11.28
CA ILE A 548 -20.12 -3.49 11.06
C ILE A 548 -20.65 -4.65 11.86
N GLU A 549 -21.61 -4.38 12.73
CA GLU A 549 -22.27 -5.42 13.50
C GLU A 549 -23.73 -5.41 13.02
N ASP A 550 -24.03 -6.22 12.00
CA ASP A 550 -25.33 -6.19 11.26
C ASP A 550 -26.49 -6.82 12.08
N GLN A 551 -26.14 -7.63 13.08
CA GLN A 551 -27.13 -8.33 13.94
C GLN A 551 -28.18 -9.04 13.11
N LEU A 552 -27.74 -9.55 11.97
CA LEU A 552 -28.62 -10.32 11.12
C LEU A 552 -28.48 -11.79 11.47
N THR A 553 -29.53 -12.57 11.23
CA THR A 553 -29.41 -14.01 11.37
C THR A 553 -28.64 -14.58 10.18
N ASP A 554 -28.15 -15.81 10.31
CA ASP A 554 -27.48 -16.42 9.19
C ASP A 554 -28.48 -16.63 8.03
N GLU A 555 -29.77 -16.90 8.33
CA GLU A 555 -30.76 -16.97 7.23
C GLU A 555 -30.88 -15.64 6.44
N GLU A 556 -30.89 -14.52 7.16
CA GLU A 556 -30.91 -13.20 6.49
C GLU A 556 -29.63 -12.94 5.70
N ARG A 557 -28.49 -13.32 6.27
CA ARG A 557 -27.20 -13.13 5.55
C ARG A 557 -27.13 -14.00 4.33
N ILE A 558 -27.69 -15.19 4.41
CA ILE A 558 -27.68 -16.04 3.25
C ILE A 558 -28.53 -15.43 2.12
N LEU A 559 -29.66 -14.83 2.50
CA LEU A 559 -30.53 -14.27 1.52
C LEU A 559 -29.83 -13.11 0.83
N LEU A 560 -29.13 -12.29 1.61
CA LEU A 560 -28.30 -11.19 1.00
C LEU A 560 -27.23 -11.76 0.11
N LEU A 561 -26.54 -12.77 0.60
CA LEU A 561 -25.45 -13.41 -0.20
C LEU A 561 -25.96 -13.85 -1.58
N LYS A 562 -27.16 -14.40 -1.58
CA LYS A 562 -27.74 -14.86 -2.81
C LYS A 562 -28.32 -13.72 -3.65
N TYR A 563 -29.04 -12.81 -3.01
CA TYR A 563 -29.94 -11.93 -3.76
C TYR A 563 -29.67 -10.43 -3.72
N ASP A 564 -28.78 -10.00 -2.84
CA ASP A 564 -28.52 -8.57 -2.78
C ASP A 564 -27.81 -8.03 -4.04
N SER A 565 -27.91 -6.73 -4.29
CA SER A 565 -27.32 -6.09 -5.47
C SER A 565 -25.92 -5.56 -5.26
N ASP A 566 -25.47 -5.49 -4.00
CA ASP A 566 -24.21 -4.85 -3.71
C ASP A 566 -23.16 -5.87 -3.37
N ALA A 567 -22.06 -5.87 -4.11
CA ALA A 567 -21.08 -6.92 -3.95
C ALA A 567 -20.48 -6.93 -2.58
N PHE A 568 -20.16 -5.76 -2.03
CA PHE A 568 -19.55 -5.73 -0.72
C PHE A 568 -20.53 -6.33 0.30
N VAL A 569 -21.79 -5.94 0.25
CA VAL A 569 -22.72 -6.51 1.28
C VAL A 569 -22.82 -8.02 1.16
N ARG A 570 -22.79 -8.54 -0.07
CA ARG A 570 -22.89 -10.00 -0.23
C ARG A 570 -21.67 -10.70 0.41
N TYR A 571 -20.50 -10.17 0.04
CA TYR A 571 -19.18 -10.57 0.56
C TYR A 571 -19.14 -10.44 2.07
N ASN A 572 -19.67 -9.32 2.58
CA ASN A 572 -19.69 -9.07 4.01
C ASN A 572 -20.62 -10.03 4.70
N SER A 573 -21.76 -10.35 4.09
CA SER A 573 -22.69 -11.27 4.72
C SER A 573 -22.02 -12.66 4.83
N CYS A 574 -21.32 -13.07 3.79
CA CYS A 574 -20.58 -14.32 3.78
C CYS A 574 -19.50 -14.28 4.86
N THR A 575 -18.79 -13.15 4.92
CA THR A 575 -17.72 -12.99 5.90
C THR A 575 -18.30 -13.21 7.35
N ASN A 576 -19.46 -12.60 7.58
CA ASN A 576 -20.08 -12.62 8.89
C ASN A 576 -20.55 -14.04 9.25
N ILE A 577 -21.08 -14.78 8.28
CA ILE A 577 -21.50 -16.17 8.49
C ILE A 577 -20.24 -16.98 8.87
N TYR A 578 -19.17 -16.78 8.12
CA TYR A 578 -17.92 -17.49 8.45
C TYR A 578 -17.46 -17.10 9.82
N MET A 579 -17.48 -15.80 10.17
CA MET A 579 -16.94 -15.38 11.49
C MET A 579 -17.73 -16.01 12.65
N LYS A 580 -19.04 -16.07 12.50
CA LYS A 580 -19.88 -16.62 13.57
C LYS A 580 -19.48 -18.10 13.80
N GLN A 581 -19.27 -18.80 12.71
CA GLN A 581 -18.80 -20.17 12.71
C GLN A 581 -17.38 -20.35 13.30
N ILE A 582 -16.47 -19.50 12.90
CA ILE A 582 -15.09 -19.53 13.38
C ILE A 582 -15.02 -19.26 14.88
N LEU A 583 -15.81 -18.30 15.36
CA LEU A 583 -15.72 -17.95 16.78
C LEU A 583 -16.29 -19.12 17.59
N MET A 584 -17.33 -19.74 17.07
CA MET A 584 -18.00 -20.85 17.79
C MET A 584 -17.06 -22.09 17.85
N ASN A 585 -16.53 -22.51 16.69
CA ASN A 585 -15.64 -23.66 16.62
C ASN A 585 -14.34 -23.38 17.37
N TYR A 586 -13.85 -22.16 17.27
CA TYR A 586 -12.62 -21.80 18.00
C TYR A 586 -12.82 -22.03 19.49
N ASN A 587 -13.95 -21.56 20.01
CA ASN A 587 -14.23 -21.72 21.43
C ASN A 587 -14.39 -23.18 21.82
N GLU A 588 -14.95 -23.97 20.91
CA GLU A 588 -15.15 -25.44 21.17
C GLU A 588 -13.79 -26.14 21.22
N PHE A 589 -12.91 -25.84 20.25
CA PHE A 589 -11.55 -26.40 20.25
C PHE A 589 -10.75 -25.94 21.46
N LEU A 590 -10.89 -24.67 21.79
CA LEU A 590 -10.14 -24.05 22.89
C LEU A 590 -10.52 -24.70 24.23
N LYS A 591 -11.80 -24.87 24.44
CA LYS A 591 -12.32 -25.56 25.63
C LYS A 591 -11.77 -26.99 25.64
N ALA A 592 -11.82 -27.70 24.52
CA ALA A 592 -11.27 -29.08 24.49
C ALA A 592 -9.78 -29.14 24.81
N LYS A 593 -9.00 -28.17 24.32
CA LYS A 593 -7.58 -28.08 24.65
C LYS A 593 -7.39 -27.76 26.15
N ASN A 594 -8.13 -26.78 26.64
CA ASN A 594 -7.92 -26.30 28.04
C ASN A 594 -8.38 -27.34 29.05
N GLU A 595 -9.51 -27.97 28.75
CA GLU A 595 -10.08 -28.97 29.63
C GLU A 595 -9.49 -30.35 29.39
N LYS A 596 -8.60 -30.48 28.41
CA LYS A 596 -7.97 -31.75 28.02
C LYS A 596 -9.06 -32.85 27.86
N LEU A 597 -10.07 -32.52 27.05
CA LEU A 597 -11.22 -33.40 26.85
C LEU A 597 -10.84 -34.61 26.06
N GLU A 598 -11.42 -35.77 26.42
CA GLU A 598 -11.18 -37.00 25.69
C GLU A 598 -12.11 -37.12 24.49
N SER A 599 -13.22 -36.41 24.58
CA SER A 599 -14.14 -36.32 23.48
C SER A 599 -14.87 -35.01 23.65
N PHE A 600 -15.44 -34.52 22.55
CA PHE A 600 -16.18 -33.24 22.56
C PHE A 600 -16.92 -33.11 21.26
N GLN A 601 -17.82 -32.15 21.15
CA GLN A 601 -18.53 -31.96 19.91
C GLN A 601 -18.14 -30.63 19.22
N LEU A 602 -18.21 -30.64 17.89
CA LEU A 602 -18.09 -29.37 17.14
C LEU A 602 -19.37 -29.04 16.48
N THR A 603 -19.69 -27.75 16.42
CA THR A 603 -20.89 -27.27 15.76
C THR A 603 -20.61 -27.34 14.25
N PRO A 604 -21.39 -28.12 13.50
CA PRO A 604 -21.09 -28.17 12.07
C PRO A 604 -21.38 -26.84 11.36
N VAL A 605 -20.86 -26.72 10.14
CA VAL A 605 -21.14 -25.53 9.26
C VAL A 605 -22.57 -25.59 8.85
N ASN A 606 -23.22 -24.42 8.82
CA ASN A 606 -24.62 -24.29 8.44
C ASN A 606 -24.85 -24.87 7.03
N ALA A 607 -25.75 -25.86 6.92
CA ALA A 607 -25.97 -26.55 5.64
C ALA A 607 -26.53 -25.62 4.58
N GLN A 608 -27.43 -24.72 4.99
CA GLN A 608 -28.03 -23.77 4.05
C GLN A 608 -26.99 -22.79 3.52
N PHE A 609 -25.98 -22.48 4.33
CA PHE A 609 -24.87 -21.64 3.87
C PHE A 609 -24.09 -22.42 2.81
N ILE A 610 -23.82 -23.70 3.08
CA ILE A 610 -23.07 -24.52 2.11
C ILE A 610 -23.85 -24.60 0.78
N ASP A 611 -25.15 -24.73 0.93
CA ASP A 611 -26.08 -24.79 -0.22
C ASP A 611 -25.99 -23.49 -1.01
N ALA A 612 -25.81 -22.37 -0.30
CA ALA A 612 -25.79 -21.04 -0.95
C ALA A 612 -24.51 -20.89 -1.70
N ILE A 613 -23.40 -21.35 -1.10
CA ILE A 613 -22.12 -21.31 -1.80
C ILE A 613 -22.24 -22.14 -3.08
N LYS A 614 -22.83 -23.34 -2.99
CA LYS A 614 -22.96 -24.20 -4.17
C LYS A 614 -23.80 -23.51 -5.23
N TYR A 615 -24.90 -22.90 -4.79
CA TYR A 615 -25.79 -22.15 -5.70
C TYR A 615 -25.01 -21.09 -6.49
N LEU A 616 -24.18 -20.32 -5.78
CA LEU A 616 -23.42 -19.27 -6.43
C LEU A 616 -22.33 -19.82 -7.34
N LEU A 617 -21.62 -20.85 -6.87
CA LEU A 617 -20.55 -21.43 -7.68
C LEU A 617 -21.09 -22.00 -9.01
N GLU A 618 -22.27 -22.58 -8.95
CA GLU A 618 -22.86 -23.27 -10.09
C GLU A 618 -23.63 -22.31 -10.98
N ASP A 619 -23.66 -21.05 -10.62
CA ASP A 619 -24.34 -20.05 -11.44
C ASP A 619 -23.39 -19.56 -12.54
N PRO A 620 -23.72 -19.86 -13.81
CA PRO A 620 -22.70 -19.55 -14.81
C PRO A 620 -22.63 -18.07 -15.12
N HIS A 621 -23.57 -17.29 -14.62
CA HIS A 621 -23.56 -15.86 -14.87
C HIS A 621 -22.94 -15.06 -13.70
N ALA A 622 -22.59 -15.76 -12.63
CA ALA A 622 -21.97 -15.10 -11.47
C ALA A 622 -20.46 -14.87 -11.72
N ASP A 623 -19.86 -13.99 -10.93
CA ASP A 623 -18.52 -13.49 -11.19
C ASP A 623 -17.46 -14.39 -10.58
N ALA A 624 -16.45 -14.75 -11.36
CA ALA A 624 -15.44 -15.69 -10.85
C ALA A 624 -14.59 -15.11 -9.73
N GLY A 625 -14.31 -13.81 -9.80
CA GLY A 625 -13.53 -13.17 -8.74
C GLY A 625 -14.34 -13.21 -7.44
N PHE A 626 -15.63 -12.92 -7.55
CA PHE A 626 -16.48 -12.95 -6.38
C PHE A 626 -16.56 -14.37 -5.84
N LYS A 627 -16.74 -15.36 -6.73
CA LYS A 627 -16.72 -16.79 -6.29
C LYS A 627 -15.46 -17.14 -5.50
N SER A 628 -14.31 -16.64 -5.92
CA SER A 628 -13.07 -16.94 -5.16
C SER A 628 -13.04 -16.45 -3.71
N TYR A 629 -13.73 -15.33 -3.45
CA TYR A 629 -13.82 -14.77 -2.13
C TYR A 629 -14.78 -15.62 -1.30
N ILE A 630 -15.88 -16.11 -1.89
CA ILE A 630 -16.86 -16.84 -1.04
C ILE A 630 -16.37 -18.20 -0.53
N VAL A 631 -15.45 -18.85 -1.28
CA VAL A 631 -14.93 -20.19 -0.87
C VAL A 631 -13.68 -20.04 -0.01
N SER A 632 -13.29 -18.81 0.24
CA SER A 632 -12.14 -18.52 1.12
C SER A 632 -12.61 -18.04 2.52
N LEU A 633 -12.03 -18.58 3.58
CA LEU A 633 -12.36 -18.03 4.94
C LEU A 633 -11.74 -16.63 5.03
N PRO A 634 -12.27 -15.78 5.92
CA PRO A 634 -11.64 -14.48 6.25
C PRO A 634 -10.20 -14.68 6.63
N GLN A 635 -9.39 -13.70 6.24
CA GLN A 635 -7.98 -13.63 6.54
C GLN A 635 -7.75 -13.79 7.99
N ASP A 636 -6.65 -14.47 8.32
CA ASP A 636 -6.25 -14.59 9.70
C ASP A 636 -6.21 -13.26 10.43
N ARG A 637 -5.61 -12.25 9.77
CA ARG A 637 -5.48 -10.94 10.40
C ARG A 637 -6.84 -10.19 10.58
N TYR A 638 -7.84 -10.59 9.81
CA TYR A 638 -9.19 -10.08 10.05
C TYR A 638 -9.79 -10.78 11.29
N ILE A 639 -9.61 -12.11 11.35
CA ILE A 639 -10.22 -12.93 12.43
C ILE A 639 -9.62 -12.50 13.75
N ILE A 640 -8.33 -12.23 13.76
CA ILE A 640 -7.68 -11.84 15.03
C ILE A 640 -8.31 -10.63 15.71
N ASN A 641 -8.94 -9.74 14.93
CA ASN A 641 -9.59 -8.56 15.51
C ASN A 641 -10.76 -8.92 16.44
N PHE A 642 -11.18 -10.18 16.40
CA PHE A 642 -12.39 -10.65 17.12
C PHE A 642 -12.14 -11.63 18.24
N VAL A 643 -10.87 -11.95 18.52
CA VAL A 643 -10.54 -12.98 19.49
C VAL A 643 -9.44 -12.42 20.40
N SER A 644 -9.67 -12.45 21.72
CA SER A 644 -8.61 -12.11 22.68
C SER A 644 -7.71 -13.28 22.89
N ASN A 645 -6.46 -13.01 23.24
CA ASN A 645 -5.50 -14.05 23.51
C ASN A 645 -5.54 -15.17 22.45
N LEU A 646 -5.56 -14.79 21.17
CA LEU A 646 -5.72 -15.75 20.10
C LEU A 646 -4.65 -16.87 20.10
N ASP A 647 -5.09 -18.12 20.36
CA ASP A 647 -4.23 -19.28 20.18
C ASP A 647 -4.20 -19.62 18.68
N THR A 648 -3.08 -19.34 18.02
CA THR A 648 -2.94 -19.65 16.60
C THR A 648 -3.14 -21.11 16.17
N ASP A 649 -2.72 -22.07 16.99
CA ASP A 649 -2.90 -23.50 16.73
C ASP A 649 -4.35 -23.85 16.74
N VAL A 650 -5.06 -23.27 17.71
CA VAL A 650 -6.50 -23.46 17.84
C VAL A 650 -7.21 -22.84 16.65
N LEU A 651 -6.74 -21.66 16.24
CA LEU A 651 -7.32 -21.07 15.04
C LEU A 651 -6.98 -21.92 13.82
N ALA A 652 -5.79 -22.47 13.78
CA ALA A 652 -5.46 -23.31 12.63
C ALA A 652 -6.37 -24.56 12.62
N ASP A 653 -6.65 -25.13 13.78
CA ASP A 653 -7.59 -26.30 13.83
C ASP A 653 -9.03 -25.93 13.45
N THR A 654 -9.43 -24.73 13.84
CA THR A 654 -10.74 -24.25 13.51
C THR A 654 -10.87 -24.12 12.00
N LYS A 655 -9.92 -23.46 11.36
CA LYS A 655 -9.97 -23.33 9.91
C LYS A 655 -10.01 -24.65 9.18
N GLU A 656 -9.11 -25.55 9.57
CA GLU A 656 -9.07 -26.89 8.99
C GLU A 656 -10.43 -27.58 9.05
N TYR A 657 -11.10 -27.49 10.20
CA TYR A 657 -12.36 -28.15 10.38
C TYR A 657 -13.37 -27.50 9.46
N ILE A 658 -13.37 -26.17 9.36
CA ILE A 658 -14.44 -25.49 8.56
C ILE A 658 -14.20 -25.80 7.09
N TYR A 659 -12.95 -25.70 6.65
CA TYR A 659 -12.65 -26.00 5.27
C TYR A 659 -13.04 -27.44 4.91
N LYS A 660 -12.80 -28.38 5.83
CA LYS A 660 -13.06 -29.80 5.55
C LYS A 660 -14.58 -30.04 5.53
N GLN A 661 -15.31 -29.41 6.44
CA GLN A 661 -16.78 -29.47 6.45
C GLN A 661 -17.36 -29.04 5.10
N ILE A 662 -16.86 -27.93 4.56
CA ILE A 662 -17.43 -27.44 3.32
C ILE A 662 -17.00 -28.33 2.13
N GLY A 663 -15.73 -28.73 2.16
CA GLY A 663 -15.16 -29.54 1.09
C GLY A 663 -15.85 -30.90 1.01
N ASP A 664 -16.13 -31.47 2.19
CA ASP A 664 -16.85 -32.75 2.28
C ASP A 664 -18.19 -32.66 1.55
N LYS A 665 -18.75 -31.46 1.43
CA LYS A 665 -19.98 -31.31 0.65
C LYS A 665 -19.74 -30.88 -0.79
N LEU A 666 -18.76 -29.98 -1.00
CA LEU A 666 -18.60 -29.27 -2.27
C LEU A 666 -17.43 -29.68 -3.16
N ASN A 667 -16.60 -30.61 -2.72
CA ASN A 667 -15.41 -30.95 -3.50
C ASN A 667 -15.68 -31.38 -4.95
N ASP A 668 -16.71 -32.20 -5.15
CA ASP A 668 -17.15 -32.54 -6.51
C ASP A 668 -17.55 -31.32 -7.34
N VAL A 669 -18.27 -30.38 -6.72
CA VAL A 669 -18.59 -29.12 -7.36
C VAL A 669 -17.29 -28.38 -7.72
N TYR A 670 -16.39 -28.25 -6.76
CA TYR A 670 -15.12 -27.58 -7.02
C TYR A 670 -14.35 -28.22 -8.18
N TYR A 671 -14.37 -29.55 -8.24
CA TYR A 671 -13.61 -30.29 -9.26
C TYR A 671 -14.20 -30.02 -10.62
N LYS A 672 -15.51 -30.22 -10.72
CA LYS A 672 -16.23 -29.91 -11.93
C LYS A 672 -15.92 -28.49 -12.44
N MET A 673 -15.92 -27.51 -11.55
CA MET A 673 -15.67 -26.11 -11.94
C MET A 673 -14.23 -25.89 -12.34
N PHE A 674 -13.30 -26.51 -11.60
CA PHE A 674 -11.89 -26.39 -11.97
C PHE A 674 -11.73 -26.86 -13.42
N LYS A 675 -12.46 -27.91 -13.81
CA LYS A 675 -12.31 -28.47 -15.15
C LYS A 675 -13.06 -27.61 -16.17
N SER A 676 -14.25 -27.16 -15.83
CA SER A 676 -15.05 -26.41 -16.80
C SER A 676 -14.52 -24.98 -17.06
N LEU A 677 -13.73 -24.46 -16.11
CA LEU A 677 -13.17 -23.12 -16.20
C LEU A 677 -11.93 -23.07 -17.06
N GLU A 678 -11.32 -24.23 -17.30
CA GLU A 678 -10.01 -24.28 -17.94
C GLU A 678 -9.94 -23.52 -19.22
N ALA A 679 -10.89 -23.78 -20.13
CA ALA A 679 -10.84 -23.28 -21.49
C ALA A 679 -10.75 -21.76 -21.51
N LYS A 680 -11.60 -21.09 -20.74
CA LYS A 680 -11.58 -19.65 -20.76
C LYS A 680 -10.48 -19.09 -19.88
N ALA A 681 -10.20 -19.73 -18.75
CA ALA A 681 -9.19 -19.22 -17.84
C ALA A 681 -7.83 -19.21 -18.47
N ASP A 682 -7.50 -20.28 -19.18
CA ASP A 682 -6.14 -20.48 -19.66
C ASP A 682 -6.00 -20.17 -21.15
N ASP A 683 -7.03 -19.55 -21.70
CA ASP A 683 -7.05 -19.17 -23.11
C ASP A 683 -5.75 -18.45 -23.50
N LEU A 684 -5.10 -18.95 -24.56
CA LEU A 684 -3.80 -18.46 -25.03
C LEU A 684 -3.91 -17.55 -26.24
N THR A 685 -5.14 -17.28 -26.68
CA THR A 685 -5.39 -16.41 -27.84
C THR A 685 -4.54 -15.12 -27.85
N TYR A 686 -4.47 -14.45 -26.69
CA TYR A 686 -3.77 -13.17 -26.64
C TYR A 686 -2.48 -13.23 -25.84
N PHE A 687 -1.91 -14.42 -25.66
CA PHE A 687 -0.69 -14.57 -24.82
C PHE A 687 0.43 -13.68 -25.35
N ASN A 688 0.51 -13.56 -26.68
CA ASN A 688 1.55 -12.78 -27.31
C ASN A 688 1.13 -11.38 -27.71
N ASP A 689 -0.01 -10.95 -27.17
CA ASP A 689 -0.44 -9.61 -27.37
C ASP A 689 -0.09 -8.93 -26.05
N GLU A 690 0.95 -8.10 -26.08
CA GLU A 690 1.49 -7.58 -24.82
C GLU A 690 0.56 -6.62 -24.10
N SER A 691 -0.39 -6.06 -24.84
CA SER A 691 -1.22 -4.98 -24.34
C SER A 691 -2.62 -5.45 -23.98
N HIS A 692 -2.94 -6.70 -24.30
CA HIS A 692 -4.28 -7.27 -24.10
C HIS A 692 -4.37 -7.85 -22.68
N VAL A 693 -5.07 -7.17 -21.79
CA VAL A 693 -5.09 -7.64 -20.40
C VAL A 693 -6.53 -7.82 -20.02
N ASP A 694 -6.89 -9.01 -19.59
CA ASP A 694 -8.27 -9.31 -19.39
C ASP A 694 -8.41 -9.64 -17.89
N PHE A 695 -8.95 -8.70 -17.14
CA PHE A 695 -9.07 -8.86 -15.69
C PHE A 695 -10.09 -9.92 -15.29
N ASP A 696 -11.15 -10.06 -16.07
CA ASP A 696 -12.06 -11.18 -15.83
C ASP A 696 -11.37 -12.54 -16.02
N GLN A 697 -10.57 -12.67 -17.09
CA GLN A 697 -9.88 -13.94 -17.31
C GLN A 697 -8.89 -14.23 -16.16
N MET A 698 -8.20 -13.21 -15.69
CA MET A 698 -7.27 -13.42 -14.59
C MET A 698 -8.05 -13.83 -13.33
N ASN A 699 -9.24 -13.29 -13.17
CA ASN A 699 -10.08 -13.71 -12.00
C ASN A 699 -10.53 -15.16 -12.17
N MET A 700 -10.78 -15.60 -13.41
CA MET A 700 -11.05 -17.01 -13.63
C MET A 700 -9.89 -17.92 -13.22
N ARG A 701 -8.68 -17.49 -13.53
CA ARG A 701 -7.52 -18.22 -13.07
C ARG A 701 -7.42 -18.18 -11.54
N THR A 702 -7.67 -17.03 -10.94
CA THR A 702 -7.71 -16.95 -9.47
C THR A 702 -8.65 -18.02 -8.87
N LEU A 703 -9.87 -18.08 -9.40
CA LEU A 703 -10.84 -19.07 -8.95
C LEU A 703 -10.32 -20.47 -9.14
N ARG A 704 -9.77 -20.81 -10.33
CA ARG A 704 -9.23 -22.17 -10.57
C ARG A 704 -8.14 -22.52 -9.57
N ASN A 705 -7.25 -21.56 -9.36
CA ASN A 705 -6.13 -21.77 -8.47
C ASN A 705 -6.53 -21.90 -6.99
N THR A 706 -7.58 -21.20 -6.63
CA THR A 706 -8.16 -21.31 -5.29
C THR A 706 -8.82 -22.69 -5.13
N LEU A 707 -9.65 -23.07 -6.11
CA LEU A 707 -10.26 -24.40 -6.11
C LEU A 707 -9.24 -25.52 -6.08
N LEU A 708 -8.17 -25.39 -6.88
CA LEU A 708 -7.14 -26.40 -6.89
C LEU A 708 -6.48 -26.58 -5.53
N SER A 709 -6.20 -25.45 -4.88
CA SER A 709 -5.65 -25.48 -3.54
C SER A 709 -6.62 -26.22 -2.56
N LEU A 710 -7.89 -25.87 -2.64
CA LEU A 710 -8.92 -26.54 -1.81
C LEU A 710 -8.89 -28.06 -2.04
N LEU A 711 -8.85 -28.46 -3.33
CA LEU A 711 -8.88 -29.87 -3.73
C LEU A 711 -7.60 -30.61 -3.34
N SER A 712 -6.46 -29.93 -3.43
CA SER A 712 -5.18 -30.57 -3.10
C SER A 712 -5.06 -30.75 -1.60
N LYS A 713 -5.44 -29.74 -0.81
CA LYS A 713 -5.44 -29.87 0.67
C LYS A 713 -6.31 -31.08 1.06
N ALA A 714 -7.42 -31.23 0.35
CA ALA A 714 -8.38 -32.29 0.64
C ALA A 714 -7.95 -33.70 0.17
N GLN A 715 -6.88 -33.77 -0.63
CA GLN A 715 -6.42 -35.02 -1.25
C GLN A 715 -7.56 -35.63 -1.99
N TYR A 716 -8.18 -34.78 -2.81
CA TYR A 716 -9.24 -35.19 -3.68
C TYR A 716 -8.71 -36.24 -4.61
N PRO A 717 -9.54 -37.30 -4.91
CA PRO A 717 -9.02 -38.39 -5.72
C PRO A 717 -8.38 -37.98 -7.03
N ASN A 718 -7.14 -38.42 -7.18
CA ASN A 718 -6.33 -38.23 -8.39
C ASN A 718 -5.98 -36.77 -8.70
N ILE A 719 -6.16 -35.87 -7.72
CA ILE A 719 -5.88 -34.44 -7.99
C ILE A 719 -4.44 -34.17 -8.45
N LEU A 720 -3.50 -35.05 -8.07
CA LEU A 720 -2.11 -34.91 -8.51
C LEU A 720 -1.98 -34.89 -10.02
N ASN A 721 -2.81 -35.66 -10.71
CA ASN A 721 -2.81 -35.60 -12.16
C ASN A 721 -3.08 -34.17 -12.60
N GLU A 722 -4.04 -33.51 -11.93
CA GLU A 722 -4.41 -32.15 -12.35
C GLU A 722 -3.29 -31.20 -12.01
N ILE A 723 -2.67 -31.48 -10.86
CA ILE A 723 -1.60 -30.63 -10.38
C ILE A 723 -0.45 -30.66 -11.39
N ILE A 724 -0.01 -31.87 -11.76
CA ILE A 724 1.07 -32.06 -12.74
C ILE A 724 0.75 -31.42 -14.09
N GLU A 725 -0.46 -31.60 -14.58
CA GLU A 725 -0.86 -30.93 -15.84
C GLU A 725 -0.81 -29.40 -15.72
N HIS A 726 -1.27 -28.90 -14.59
CA HIS A 726 -1.21 -27.46 -14.30
C HIS A 726 0.23 -26.90 -14.31
N SER A 727 1.18 -27.70 -13.84
CA SER A 727 2.60 -27.33 -13.87
C SER A 727 3.10 -27.02 -15.28
N LYS A 728 2.37 -27.50 -16.28
CA LYS A 728 2.80 -27.34 -17.69
C LYS A 728 2.16 -26.14 -18.37
N SER A 729 1.34 -25.41 -17.63
CA SER A 729 0.70 -24.23 -18.18
C SER A 729 1.73 -23.14 -18.49
N PRO A 730 1.51 -22.39 -19.55
CA PRO A 730 2.32 -21.22 -19.95
C PRO A 730 2.24 -20.05 -18.92
N TYR A 731 1.15 -19.99 -18.14
CA TYR A 731 0.96 -18.91 -17.18
C TYR A 731 1.65 -19.18 -15.85
N PRO A 732 2.55 -18.29 -15.44
CA PRO A 732 3.21 -18.38 -14.15
C PRO A 732 2.25 -18.45 -13.00
N SER A 733 1.11 -17.73 -13.05
CA SER A 733 0.13 -17.93 -11.99
C SER A 733 -0.22 -19.40 -11.81
N ASN A 734 -0.42 -20.11 -12.93
CA ASN A 734 -0.74 -21.54 -12.85
C ASN A 734 0.42 -22.39 -12.37
N TRP A 735 1.58 -22.24 -13.00
CA TRP A 735 2.64 -23.18 -12.70
C TRP A 735 3.29 -22.94 -11.35
N LEU A 736 3.29 -21.70 -10.88
CA LEU A 736 3.67 -21.48 -9.48
C LEU A 736 2.61 -21.99 -8.50
N THR A 737 1.32 -21.86 -8.87
CA THR A 737 0.27 -22.49 -8.07
C THR A 737 0.51 -23.99 -8.00
N SER A 738 0.93 -24.61 -9.12
CA SER A 738 1.15 -26.06 -9.15
C SER A 738 2.21 -26.43 -8.11
N LEU A 739 3.24 -25.58 -7.96
CA LEU A 739 4.24 -25.71 -6.87
C LEU A 739 3.61 -25.68 -5.48
N SER A 740 2.90 -24.60 -5.15
CA SER A 740 2.32 -24.48 -3.82
C SER A 740 1.35 -25.62 -3.51
N VAL A 741 0.47 -26.00 -4.43
CA VAL A 741 -0.51 -27.07 -4.09
C VAL A 741 0.13 -28.43 -4.04
N SER A 742 1.28 -28.60 -4.69
CA SER A 742 1.99 -29.88 -4.64
C SER A 742 2.66 -30.12 -3.29
N ALA A 743 2.71 -29.10 -2.41
CA ALA A 743 3.23 -29.30 -1.06
C ALA A 743 2.59 -30.51 -0.35
N TYR A 744 1.34 -30.78 -0.69
CA TYR A 744 0.58 -31.87 -0.09
C TYR A 744 0.83 -33.24 -0.72
N PHE A 745 1.84 -33.33 -1.59
CA PHE A 745 2.17 -34.56 -2.29
C PHE A 745 3.66 -34.84 -2.34
N ASP A 746 4.01 -36.06 -2.72
CA ASP A 746 5.43 -36.47 -2.83
C ASP A 746 6.15 -35.78 -4.00
N LYS A 747 5.38 -35.14 -4.88
CA LYS A 747 5.92 -34.49 -6.03
C LYS A 747 6.46 -33.07 -5.77
N TYR A 748 6.31 -32.58 -4.54
CA TYR A 748 6.72 -31.20 -4.25
C TYR A 748 8.13 -30.83 -4.76
N PHE A 749 9.16 -31.63 -4.40
CA PHE A 749 10.52 -31.22 -4.74
C PHE A 749 10.76 -31.33 -6.27
N GLU A 750 10.05 -32.23 -6.93
CA GLU A 750 10.18 -32.32 -8.39
C GLU A 750 9.63 -31.01 -8.95
N LEU A 751 8.50 -30.55 -8.41
CA LEU A 751 7.96 -29.29 -8.92
C LEU A 751 8.80 -28.07 -8.49
N TYR A 752 9.43 -28.16 -7.32
CA TYR A 752 10.31 -27.11 -6.81
C TYR A 752 11.44 -26.89 -7.82
N ASP A 753 12.06 -27.99 -8.23
CA ASP A 753 13.10 -27.93 -9.26
C ASP A 753 12.60 -27.49 -10.63
N LYS A 754 11.45 -28.01 -11.08
CA LYS A 754 10.95 -27.62 -12.39
C LYS A 754 10.66 -26.11 -12.42
N THR A 755 9.98 -25.62 -11.39
CA THR A 755 9.59 -24.24 -11.36
C THR A 755 10.78 -23.32 -11.06
N TYR A 756 11.80 -23.79 -10.34
CA TYR A 756 13.00 -22.99 -10.13
C TYR A 756 13.65 -22.73 -11.48
N LYS A 757 13.78 -23.80 -12.25
CA LYS A 757 14.41 -23.71 -13.55
C LYS A 757 13.68 -22.76 -14.47
N LEU A 758 12.34 -22.75 -14.38
CA LEU A 758 11.53 -21.82 -15.16
C LEU A 758 11.64 -20.34 -14.73
N SER A 759 12.01 -20.14 -13.46
CA SER A 759 12.03 -18.83 -12.80
C SER A 759 13.40 -18.16 -12.75
N LYS A 760 14.48 -18.96 -12.78
CA LYS A 760 15.78 -18.52 -12.31
C LYS A 760 16.43 -17.44 -13.16
N ASP A 761 15.99 -17.29 -14.40
CA ASP A 761 16.66 -16.33 -15.31
C ASP A 761 15.86 -15.04 -15.53
N ASP A 762 14.84 -14.83 -14.71
CA ASP A 762 14.15 -13.57 -14.71
C ASP A 762 14.12 -13.13 -13.27
N GLU A 763 14.76 -12.00 -12.98
CA GLU A 763 14.99 -11.55 -11.60
C GLU A 763 13.67 -11.48 -10.82
N LEU A 764 12.64 -10.95 -11.48
CA LEU A 764 11.35 -10.76 -10.78
C LEU A 764 10.58 -12.08 -10.65
N LEU A 765 10.63 -12.90 -11.68
CA LEU A 765 9.97 -14.20 -11.62
C LEU A 765 10.61 -15.06 -10.53
N LEU A 766 11.94 -15.00 -10.42
CA LEU A 766 12.64 -15.70 -9.35
C LEU A 766 12.11 -15.26 -7.97
N GLN A 767 11.88 -13.96 -7.84
CA GLN A 767 11.31 -13.41 -6.56
C GLN A 767 9.93 -13.98 -6.31
N GLU A 768 9.11 -14.11 -7.37
CA GLU A 768 7.78 -14.74 -7.22
C GLU A 768 7.88 -16.20 -6.85
N TRP A 769 8.88 -16.90 -7.40
CA TRP A 769 9.14 -18.30 -7.04
C TRP A 769 9.52 -18.36 -5.54
N LEU A 770 10.39 -17.47 -5.12
CA LEU A 770 10.84 -17.46 -3.72
C LEU A 770 9.62 -17.28 -2.81
N LYS A 771 8.73 -16.37 -3.22
CA LYS A 771 7.48 -16.21 -2.43
C LYS A 771 6.64 -17.49 -2.36
N THR A 772 6.56 -18.21 -3.48
CA THR A 772 5.77 -19.43 -3.57
C THR A 772 6.34 -20.49 -2.66
N VAL A 773 7.67 -20.61 -2.66
CA VAL A 773 8.33 -21.58 -1.75
C VAL A 773 8.06 -21.16 -0.28
N SER A 774 8.23 -19.88 0.01
CA SER A 774 8.09 -19.34 1.39
C SER A 774 6.69 -19.58 1.95
N ARG A 775 5.67 -19.46 1.10
CA ARG A 775 4.27 -19.59 1.47
C ARG A 775 3.82 -21.07 1.47
N SER A 776 4.68 -21.97 0.97
CA SER A 776 4.28 -23.40 0.79
C SER A 776 3.92 -24.09 2.11
N ASP A 777 2.84 -24.84 2.08
CA ASP A 777 2.36 -25.49 3.30
C ASP A 777 3.08 -26.81 3.53
N ARG A 778 4.33 -26.66 3.97
CA ARG A 778 5.28 -27.73 4.16
C ARG A 778 5.57 -27.93 5.63
N LYS A 779 5.53 -29.19 6.10
CA LYS A 779 6.02 -29.53 7.43
C LYS A 779 7.50 -29.25 7.61
N ASP A 780 8.27 -29.39 6.53
CA ASP A 780 9.71 -29.09 6.58
C ASP A 780 10.01 -27.66 6.06
N ILE A 781 9.08 -26.71 6.27
CA ILE A 781 9.28 -25.33 5.83
C ILE A 781 10.54 -24.66 6.41
N TYR A 782 10.92 -24.98 7.66
CA TYR A 782 12.12 -24.36 8.21
C TYR A 782 13.35 -24.86 7.49
N GLU A 783 13.36 -26.14 7.13
CA GLU A 783 14.50 -26.69 6.36
C GLU A 783 14.55 -26.12 4.93
N ILE A 784 13.37 -25.91 4.35
CA ILE A 784 13.26 -25.29 3.03
C ILE A 784 13.77 -23.84 3.02
N LEU A 785 13.47 -23.05 4.05
CA LEU A 785 14.00 -21.66 4.14
C LEU A 785 15.50 -21.67 4.23
N LYS A 786 16.03 -22.66 4.94
CA LYS A 786 17.47 -22.75 5.12
C LYS A 786 18.10 -23.02 3.74
N LYS A 787 17.49 -23.89 2.97
CA LYS A 787 17.89 -24.21 1.57
C LYS A 787 17.77 -22.96 0.69
N LEU A 788 16.68 -22.20 0.82
CA LEU A 788 16.59 -20.92 0.07
C LEU A 788 17.72 -19.99 0.46
N GLU A 789 18.01 -19.91 1.76
CA GLU A 789 19.06 -19.02 2.27
C GLU A 789 20.42 -19.39 1.69
N ASN A 790 20.72 -20.69 1.66
CA ASN A 790 22.04 -21.18 1.26
C ASN A 790 22.23 -21.14 -0.23
N GLU A 791 21.17 -21.44 -0.97
CA GLU A 791 21.28 -21.67 -2.40
C GLU A 791 20.86 -20.51 -3.27
N VAL A 792 19.87 -19.73 -2.81
CA VAL A 792 19.31 -18.67 -3.65
C VAL A 792 19.50 -17.22 -3.11
N LEU A 793 18.99 -16.97 -1.91
CA LEU A 793 19.10 -15.65 -1.30
C LEU A 793 20.53 -15.23 -0.96
N LYS A 794 21.24 -16.08 -0.24
CA LYS A 794 22.62 -15.79 0.20
C LYS A 794 22.72 -14.44 0.95
N ASP A 795 23.72 -13.58 0.67
CA ASP A 795 23.81 -12.29 1.39
C ASP A 795 23.32 -11.13 0.50
N SER A 796 22.37 -11.45 -0.38
CA SER A 796 21.69 -10.44 -1.14
C SER A 796 21.17 -9.34 -0.20
N LYS A 797 21.32 -8.09 -0.63
CA LYS A 797 20.82 -6.93 0.11
C LYS A 797 19.62 -6.38 -0.67
N ASN A 798 19.15 -7.09 -1.67
CA ASN A 798 18.01 -6.57 -2.46
C ASN A 798 16.75 -6.74 -1.60
N PRO A 799 16.04 -5.64 -1.27
CA PRO A 799 14.90 -5.80 -0.39
C PRO A 799 13.82 -6.72 -1.00
N ASN A 800 13.67 -6.73 -2.34
CA ASN A 800 12.76 -7.68 -2.97
C ASN A 800 13.10 -9.17 -2.67
N ASP A 801 14.38 -9.51 -2.63
CA ASP A 801 14.79 -10.88 -2.35
C ASP A 801 14.49 -11.22 -0.88
N ILE A 802 14.93 -10.35 0.02
CA ILE A 802 14.67 -10.57 1.47
C ILE A 802 13.19 -10.67 1.78
N ARG A 803 12.39 -9.72 1.31
CA ARG A 803 10.96 -9.75 1.57
C ARG A 803 10.31 -11.02 0.97
N ALA A 804 10.80 -11.48 -0.18
CA ALA A 804 10.20 -12.64 -0.86
C ALA A 804 10.44 -13.92 -0.07
N VAL A 805 11.62 -14.06 0.52
CA VAL A 805 11.97 -15.29 1.23
C VAL A 805 11.22 -15.39 2.55
N TYR A 806 11.03 -14.25 3.22
CA TYR A 806 10.56 -14.30 4.58
C TYR A 806 9.14 -13.89 4.87
N LEU A 807 8.65 -12.86 4.23
CA LEU A 807 7.32 -12.41 4.59
C LEU A 807 6.18 -13.41 4.35
N PRO A 808 6.15 -14.07 3.17
CA PRO A 808 5.03 -15.03 2.97
C PRO A 808 5.00 -16.09 4.05
N PHE A 809 6.18 -16.57 4.43
CA PHE A 809 6.31 -17.57 5.49
C PHE A 809 5.71 -17.08 6.82
N THR A 810 5.85 -15.78 7.09
CA THR A 810 5.29 -15.24 8.34
C THR A 810 3.76 -15.35 8.37
N ASN A 811 3.12 -15.60 7.22
CA ASN A 811 1.68 -15.81 7.24
C ASN A 811 1.27 -17.25 7.47
N ASN A 812 2.25 -18.12 7.71
CA ASN A 812 1.98 -19.52 7.86
C ASN A 812 1.56 -19.68 9.32
N LEU A 813 0.26 -19.84 9.51
CA LEU A 813 -0.35 -19.76 10.82
C LEU A 813 0.18 -20.82 11.76
N ARG A 814 0.22 -22.07 11.29
CA ARG A 814 0.76 -23.15 12.10
C ARG A 814 2.21 -23.10 12.39
N ARG A 815 3.01 -22.74 11.38
CA ARG A 815 4.45 -22.90 11.47
C ARG A 815 5.21 -21.65 11.91
N PHE A 816 4.82 -20.47 11.39
CA PHE A 816 5.52 -19.27 11.84
C PHE A 816 5.31 -19.09 13.34
N HIS A 817 4.11 -19.44 13.78
CA HIS A 817 3.73 -19.28 15.18
C HIS A 817 4.01 -20.56 15.98
N ASP A 818 4.97 -21.36 15.50
CA ASP A 818 5.39 -22.57 16.23
C ASP A 818 5.67 -22.19 17.68
N ILE A 819 5.12 -22.98 18.60
CA ILE A 819 5.13 -22.64 19.99
C ILE A 819 6.53 -22.60 20.62
N SER A 820 7.54 -23.21 19.98
CA SER A 820 8.94 -23.08 20.42
C SER A 820 9.46 -21.65 20.28
N GLY A 821 8.77 -20.86 19.46
CA GLY A 821 9.24 -19.49 19.17
C GLY A 821 10.29 -19.40 18.08
N LYS A 822 10.62 -20.53 17.45
CA LYS A 822 11.70 -20.56 16.43
C LYS A 822 11.41 -19.65 15.21
N GLY A 823 10.12 -19.50 14.88
CA GLY A 823 9.70 -18.59 13.80
C GLY A 823 9.96 -17.15 14.17
N TYR A 824 9.63 -16.76 15.40
CA TYR A 824 9.85 -15.41 15.86
C TYR A 824 11.34 -15.12 15.91
N LYS A 825 12.06 -16.17 16.28
CA LYS A 825 13.51 -16.08 16.40
C LYS A 825 14.14 -15.83 15.04
N LEU A 826 13.68 -16.60 14.04
CA LEU A 826 14.21 -16.55 12.70
C LEU A 826 13.95 -15.17 12.13
N ILE A 827 12.72 -14.65 12.30
CA ILE A 827 12.44 -13.32 11.70
C ILE A 827 13.22 -12.22 12.42
N ALA A 828 13.34 -12.32 13.75
CA ALA A 828 14.12 -11.31 14.48
C ALA A 828 15.57 -11.30 13.99
N GLU A 829 16.12 -12.48 13.70
CA GLU A 829 17.50 -12.55 13.20
C GLU A 829 17.62 -11.83 11.86
N VAL A 830 16.63 -12.04 11.00
CA VAL A 830 16.63 -11.38 9.68
C VAL A 830 16.50 -9.86 9.83
N ILE A 831 15.65 -9.41 10.77
CA ILE A 831 15.42 -7.96 10.96
C ILE A 831 16.73 -7.32 11.43
N THR A 832 17.32 -7.96 12.42
CA THR A 832 18.59 -7.46 12.96
C THR A 832 19.69 -7.41 11.91
N LYS A 833 19.78 -8.44 11.05
CA LYS A 833 20.79 -8.48 9.96
C LYS A 833 20.54 -7.40 8.93
N THR A 834 19.27 -7.26 8.55
CA THR A 834 18.84 -6.26 7.58
C THR A 834 19.06 -4.85 8.10
N ASP A 835 18.83 -4.63 9.39
CA ASP A 835 18.95 -3.31 10.02
C ASP A 835 20.36 -2.71 9.91
N LYS A 836 21.37 -3.57 9.79
CA LYS A 836 22.79 -3.14 9.60
C LYS A 836 22.95 -2.32 8.34
N PHE A 837 22.13 -2.55 7.31
CA PHE A 837 22.33 -1.79 6.08
C PHE A 837 21.06 -1.10 5.54
N ASN A 838 19.90 -1.55 6.00
CA ASN A 838 18.64 -0.93 5.52
C ASN A 838 17.61 -0.90 6.63
N PRO A 839 17.66 0.14 7.47
CA PRO A 839 16.69 0.31 8.60
C PRO A 839 15.24 0.33 8.14
N MET A 840 14.97 0.92 6.98
CA MET A 840 13.60 0.97 6.44
C MET A 840 13.05 -0.42 6.18
N VAL A 841 13.82 -1.27 5.51
CA VAL A 841 13.33 -2.62 5.21
C VAL A 841 13.36 -3.48 6.45
N ALA A 842 14.33 -3.25 7.32
CA ALA A 842 14.30 -3.98 8.58
C ALA A 842 13.01 -3.70 9.33
N THR A 843 12.55 -2.46 9.27
CA THR A 843 11.31 -2.12 9.97
C THR A 843 10.05 -2.73 9.30
N GLN A 844 10.05 -2.76 7.98
CA GLN A 844 9.02 -3.49 7.23
C GLN A 844 8.94 -4.95 7.65
N LEU A 845 10.08 -5.57 7.94
CA LEU A 845 10.15 -6.98 8.27
C LEU A 845 9.59 -7.27 9.64
N CYS A 846 9.48 -6.24 10.47
CA CYS A 846 8.75 -6.30 11.78
C CYS A 846 7.22 -6.56 11.69
N GLU A 847 6.67 -6.51 10.51
CA GLU A 847 5.21 -6.62 10.36
C GLU A 847 4.52 -7.75 11.17
N PRO A 848 5.10 -8.99 11.22
CA PRO A 848 4.38 -10.05 11.96
C PRO A 848 4.26 -9.78 13.43
N PHE A 849 5.15 -8.95 13.97
CA PHE A 849 5.11 -8.63 15.36
C PHE A 849 4.02 -7.65 15.73
N LYS A 850 3.32 -7.05 14.72
CA LYS A 850 2.34 -6.03 15.01
C LYS A 850 1.20 -6.50 15.86
N LEU A 851 0.88 -7.79 15.77
CA LEU A 851 -0.24 -8.32 16.55
C LEU A 851 0.18 -9.02 17.84
N TRP A 852 1.41 -8.78 18.31
CA TRP A 852 2.02 -9.64 19.34
C TRP A 852 1.14 -9.70 20.61
N ASN A 853 0.52 -8.58 20.92
CA ASN A 853 -0.25 -8.47 22.18
C ASN A 853 -1.66 -9.02 22.02
N LYS A 854 -1.97 -9.48 20.80
CA LYS A 854 -3.26 -10.12 20.52
C LYS A 854 -3.29 -11.65 20.67
N LEU A 855 -2.13 -12.24 20.85
CA LEU A 855 -2.03 -13.69 20.85
C LEU A 855 -2.15 -14.26 22.24
N ASP A 856 -2.19 -15.60 22.33
CA ASP A 856 -2.20 -16.29 23.60
C ASP A 856 -0.96 -15.88 24.37
N THR A 857 -1.03 -16.03 25.68
CA THR A 857 0.01 -15.45 26.53
C THR A 857 1.38 -16.05 26.30
N LYS A 858 1.46 -17.34 25.99
CA LYS A 858 2.76 -17.91 25.69
C LYS A 858 3.44 -17.25 24.47
N ARG A 859 2.70 -17.13 23.37
CA ARG A 859 3.24 -16.49 22.16
C ARG A 859 3.48 -15.01 22.38
N GLN A 860 2.63 -14.34 23.17
CA GLN A 860 2.87 -12.93 23.47
C GLN A 860 4.27 -12.80 24.08
N GLU A 861 4.52 -13.66 25.05
CA GLU A 861 5.83 -13.67 25.74
C GLU A 861 7.01 -13.97 24.81
N LEU A 862 6.87 -14.99 23.97
CA LEU A 862 7.90 -15.33 22.98
C LEU A 862 8.21 -14.18 22.01
N MET A 863 7.17 -13.57 21.46
CA MET A 863 7.38 -12.44 20.57
C MET A 863 8.01 -11.29 21.31
N LEU A 864 7.50 -10.99 22.49
CA LEU A 864 8.02 -9.87 23.28
C LEU A 864 9.50 -10.11 23.59
N ASN A 865 9.83 -11.36 23.89
CA ASN A 865 11.25 -11.69 24.13
C ASN A 865 12.16 -11.38 22.92
N GLU A 866 11.67 -11.70 21.71
CA GLU A 866 12.46 -11.42 20.50
C GLU A 866 12.55 -9.94 20.22
N MET A 867 11.46 -9.21 20.48
CA MET A 867 11.49 -7.76 20.30
C MET A 867 12.46 -7.09 21.27
N ASN A 868 12.45 -7.54 22.51
CA ASN A 868 13.41 -7.01 23.48
C ASN A 868 14.86 -7.37 23.14
N THR A 869 15.07 -8.58 22.65
CA THR A 869 16.40 -8.97 22.13
C THR A 869 16.86 -8.01 21.00
N MET A 870 15.99 -7.75 20.04
CA MET A 870 16.30 -6.77 18.98
C MET A 870 16.60 -5.36 19.55
N LEU A 871 15.84 -4.95 20.56
CA LEU A 871 15.93 -3.62 21.10
C LEU A 871 17.25 -3.41 21.82
N GLN A 872 17.81 -4.53 22.27
CA GLN A 872 19.04 -4.54 23.04
C GLN A 872 20.28 -4.56 22.14
N GLU A 873 20.07 -4.62 20.82
CA GLU A 873 21.23 -4.69 19.88
C GLU A 873 21.97 -3.39 19.91
N PRO A 874 23.29 -3.40 20.24
CA PRO A 874 23.93 -2.11 20.43
C PRO A 874 23.88 -1.24 19.18
N GLN A 875 23.91 -1.89 18.02
CA GLN A 875 23.98 -1.20 16.74
C GLN A 875 22.61 -0.94 16.09
N ILE A 876 21.53 -1.06 16.85
CA ILE A 876 20.18 -0.82 16.30
C ILE A 876 19.98 0.59 15.74
N SER A 877 19.22 0.67 14.65
CA SER A 877 18.99 1.93 14.02
C SER A 877 17.96 2.76 14.78
N ASN A 878 17.97 4.06 14.57
CA ASN A 878 16.99 4.93 15.15
C ASN A 878 15.60 4.48 14.69
N ASN A 879 15.51 4.08 13.43
CA ASN A 879 14.23 3.74 12.88
C ASN A 879 13.69 2.49 13.55
N LEU A 880 14.54 1.47 13.69
CA LEU A 880 14.07 0.20 14.25
C LEU A 880 13.78 0.37 15.75
N LYS A 881 14.71 1.00 16.47
CA LYS A 881 14.52 1.21 17.90
C LYS A 881 13.19 1.90 18.22
N GLU A 882 12.91 3.00 17.54
CA GLU A 882 11.71 3.80 17.74
C GLU A 882 10.47 2.97 17.47
N TYR A 883 10.52 2.19 16.40
CA TYR A 883 9.40 1.35 16.02
C TYR A 883 9.12 0.30 17.10
N LEU A 884 10.16 -0.39 17.54
CA LEU A 884 9.95 -1.46 18.50
C LEU A 884 9.61 -0.91 19.89
N LEU A 885 10.12 0.27 20.20
CA LEU A 885 9.73 0.93 21.50
C LEU A 885 8.24 1.25 21.52
N ARG A 886 7.75 1.77 20.40
CA ARG A 886 6.35 2.10 20.31
C ARG A 886 5.53 0.81 20.31
N LEU A 887 6.00 -0.19 19.57
CA LEU A 887 5.22 -1.44 19.45
C LEU A 887 5.14 -2.21 20.77
N THR A 888 6.20 -2.16 21.57
CA THR A 888 6.21 -2.95 22.80
C THR A 888 5.71 -2.13 23.98
N ASN A 889 5.17 -0.94 23.69
CA ASN A 889 4.60 -0.11 24.75
C ASN A 889 5.60 0.26 25.86
N LYS A 890 6.84 0.53 25.48
CA LYS A 890 7.87 0.78 26.48
C LYS A 890 7.74 2.18 27.04
ZN ZN B . 1.74 7.93 -3.08
C1 D50 C . 0.13 2.44 -5.19
N1 D50 C . 3.61 4.37 -3.50
O1 D50 C . 3.56 5.09 -1.42
C2 D50 C . 0.89 3.09 -4.07
N2 D50 C . 5.15 8.79 -2.35
O2 D50 C . 3.45 7.40 -3.86
C3 D50 C . 0.12 2.94 -2.75
O3 D50 C . 9.01 6.14 3.06
C4 D50 C . 2.26 2.42 -4.04
O4 D50 C . 5.50 2.61 -2.89
C5 D50 C . 3.18 3.06 -3.04
O5 D50 C . 4.14 0.99 -2.26
C6 D50 C . 3.82 5.31 -2.62
C7 D50 C . 4.46 6.59 -3.17
C8 D50 C . 5.13 7.33 -2.04
C9 D50 C . 6.54 6.83 -2.01
C10 D50 C . 7.16 6.67 -0.65
C11 D50 C . 6.69 5.70 0.26
C12 D50 C . 7.31 5.55 1.49
C13 D50 C . 8.39 6.32 1.83
C14 D50 C . 9.62 7.15 3.86
C15 D50 C . 9.94 6.51 5.20
C16 D50 C . 11.14 6.81 5.85
C17 D50 C . 11.44 6.21 7.08
C18 D50 C . 10.52 5.32 7.65
C19 D50 C . 9.32 5.01 7.01
C20 D50 C . 9.03 5.61 5.78
C21 D50 C . 8.86 7.27 0.92
C22 D50 C . 8.26 7.45 -0.32
C23 D50 C . 4.36 2.21 -2.73
C1 GOL D . -5.12 -11.97 -19.22
O1 GOL D . -4.75 -10.62 -19.11
C2 GOL D . -4.17 -12.65 -20.23
O2 GOL D . -4.19 -14.00 -19.93
C3 GOL D . -4.55 -12.36 -21.70
O3 GOL D . -3.53 -12.95 -22.50
C1 GOL E . 6.80 -2.93 -3.43
O1 GOL E . 6.32 -3.39 -4.68
C2 GOL E . 7.66 -3.84 -2.56
O2 GOL E . 8.11 -4.98 -3.23
C3 GOL E . 7.04 -4.19 -1.21
O3 GOL E . 6.69 -3.04 -0.46
MG MG F . 19.59 -9.41 -8.00
#